data_5XK3
#
_entry.id   5XK3
#
_cell.length_a   68.115
_cell.length_b   121.198
_cell.length_c   126.527
_cell.angle_alpha   90.00
_cell.angle_beta   90.00
_cell.angle_gamma   90.00
#
_symmetry.space_group_name_H-M   'P 21 21 21'
#
loop_
_entity.id
_entity.type
_entity.pdbx_description
1 polymer 'Undecaprenyl diphosphate synthase'
2 non-polymer 'SULFATE ION'
3 water water
#
_entity_poly.entity_id   1
_entity_poly.type   'polypeptide(L)'
_entity_poly.pdbx_seq_one_letter_code
;MAHHHHHHVDDDDKMMTNLMLLPDGMRRWSQKQGISLDDSYAAMTDKLVEFTGWAREEGFTTFYVTVSSVANYSRSEEQV
TTAMNAFTEVVRRCHDTLNFNYSGTLEVVPERWLTELEALRAKSDSQSDFTLHFIMGMSLAHEVIGIFNKFNGKIPALTE
ELLAANAYVPEPVDFLIRPGGHVRMSSFYPLMSPFAEMYFCPTLLNDMTRADFDVALEDLRERDRRYGLYPV
;
_entity_poly.pdbx_strand_id   A,B,C,D
#
# COMPACT_ATOMS: atom_id res chain seq x y z
N MET A 15 26.79 16.63 5.19
CA MET A 15 25.68 15.70 4.96
C MET A 15 24.61 15.89 6.04
N MET A 16 24.11 17.11 6.14
CA MET A 16 23.08 17.47 7.11
C MET A 16 21.70 17.44 6.46
N THR A 17 20.70 17.01 7.22
CA THR A 17 19.33 16.89 6.74
C THR A 17 18.34 17.52 7.73
N ASN A 18 17.22 17.96 7.20
CA ASN A 18 16.15 18.55 7.98
C ASN A 18 14.86 17.79 7.69
N LEU A 19 13.86 18.00 8.56
CA LEU A 19 12.61 17.23 8.49
C LEU A 19 11.43 18.15 8.72
N MET A 20 10.36 17.95 7.96
CA MET A 20 9.14 18.74 8.09
C MET A 20 7.96 17.81 8.33
N LEU A 21 7.10 18.19 9.27
CA LEU A 21 5.90 17.45 9.62
C LEU A 21 4.68 18.32 9.36
N LEU A 22 3.68 17.74 8.70
CA LEU A 22 2.39 18.34 8.44
C LEU A 22 1.38 17.69 9.42
N PRO A 23 1.06 18.32 10.54
CA PRO A 23 0.13 17.70 11.50
C PRO A 23 -1.28 17.61 10.94
N ASP A 24 -1.97 16.52 11.31
CA ASP A 24 -3.28 16.25 10.73
C ASP A 24 -4.00 15.23 11.60
N GLY A 25 -5.33 15.30 11.60
CA GLY A 25 -6.14 14.23 12.16
C GLY A 25 -6.76 14.48 13.52
N MET A 26 -6.70 15.70 14.03
CA MET A 26 -7.16 15.94 15.41
C MET A 26 -8.67 15.74 15.57
N ARG A 27 -9.46 16.18 14.60
CA ARG A 27 -10.92 16.00 14.70
C ARG A 27 -11.27 14.52 14.62
N ARG A 28 -10.72 13.82 13.63
CA ARG A 28 -10.95 12.38 13.52
C ARG A 28 -10.45 11.63 14.75
N TRP A 29 -9.33 12.06 15.35
CA TRP A 29 -8.84 11.38 16.53
C TRP A 29 -9.78 11.61 17.72
N SER A 30 -10.34 12.82 17.85
CA SER A 30 -11.30 13.04 18.91
C SER A 30 -12.54 12.18 18.71
N GLN A 31 -13.01 12.03 17.46
CA GLN A 31 -14.14 11.13 17.21
C GLN A 31 -13.78 9.69 17.52
N LYS A 32 -12.57 9.28 17.19
CA LYS A 32 -12.15 7.89 17.41
C LYS A 32 -12.06 7.56 18.89
N GLN A 33 -11.51 8.46 19.69
CA GLN A 33 -11.32 8.24 21.11
C GLN A 33 -12.54 8.60 21.94
N GLY A 34 -13.56 9.21 21.33
CA GLY A 34 -14.73 9.66 22.07
C GLY A 34 -14.41 10.75 23.08
N ILE A 35 -13.56 11.70 22.72
CA ILE A 35 -13.12 12.76 23.61
C ILE A 35 -13.36 14.09 22.93
N SER A 36 -13.17 15.16 23.71
CA SER A 36 -13.36 16.50 23.20
C SER A 36 -12.25 16.87 22.23
N LEU A 37 -12.52 17.87 21.40
CA LEU A 37 -11.48 18.37 20.53
C LEU A 37 -10.32 18.93 21.34
N ASP A 38 -10.62 19.53 22.49
CA ASP A 38 -9.56 20.05 23.35
C ASP A 38 -8.63 18.94 23.81
N ASP A 39 -9.20 17.81 24.21
CA ASP A 39 -8.38 16.67 24.65
C ASP A 39 -7.56 16.12 23.49
N SER A 40 -8.13 16.09 22.28
CA SER A 40 -7.37 15.63 21.12
C SER A 40 -6.18 16.55 20.83
N TYR A 41 -6.39 17.86 20.94
CA TYR A 41 -5.26 18.76 20.72
C TYR A 41 -4.25 18.65 21.86
N ALA A 42 -4.69 18.28 23.07
CA ALA A 42 -3.73 18.05 24.16
C ALA A 42 -2.86 16.84 23.85
N ALA A 43 -3.47 15.77 23.34
CA ALA A 43 -2.70 14.63 22.86
C ALA A 43 -1.79 15.04 21.71
N MET A 44 -2.23 15.96 20.85
CA MET A 44 -1.36 16.43 19.78
C MET A 44 -0.15 17.17 20.34
N THR A 45 -0.36 18.00 21.35
CA THR A 45 0.76 18.69 22.01
C THR A 45 1.77 17.68 22.54
N ASP A 46 1.29 16.69 23.31
CA ASP A 46 2.18 15.63 23.81
C ASP A 46 2.94 14.98 22.67
N LYS A 47 2.21 14.62 21.61
CA LYS A 47 2.81 13.90 20.48
C LYS A 47 3.86 14.75 19.77
N LEU A 48 3.60 16.06 19.62
CA LEU A 48 4.56 16.90 18.91
C LEU A 48 5.83 17.11 19.73
N VAL A 49 5.70 17.16 21.06
CA VAL A 49 6.89 17.16 21.91
C VAL A 49 7.69 15.87 21.69
N GLU A 50 7.01 14.72 21.70
CA GLU A 50 7.67 13.46 21.36
C GLU A 50 8.38 13.54 20.02
N PHE A 51 7.65 13.96 18.98
CA PHE A 51 8.17 13.98 17.63
C PHE A 51 9.39 14.88 17.52
N THR A 52 9.34 16.05 18.17
CA THR A 52 10.50 16.94 18.20
C THR A 52 11.72 16.25 18.80
N GLY A 53 11.52 15.54 19.91
CA GLY A 53 12.63 14.79 20.49
C GLY A 53 13.16 13.71 19.54
N TRP A 54 12.25 12.99 18.87
CA TRP A 54 12.65 11.97 17.90
C TRP A 54 13.47 12.58 16.78
N ALA A 55 13.00 13.71 16.23
CA ALA A 55 13.72 14.37 15.15
C ALA A 55 15.11 14.79 15.60
N ARG A 56 15.22 15.28 16.83
CA ARG A 56 16.53 15.68 17.34
C ARG A 56 17.44 14.47 17.46
N GLU A 57 16.94 13.37 18.03
CA GLU A 57 17.75 12.16 18.18
C GLU A 57 18.24 11.63 16.85
N GLU A 58 17.44 11.77 15.80
CA GLU A 58 17.78 11.28 14.48
C GLU A 58 18.75 12.19 13.73
N GLY A 59 19.23 13.27 14.34
CA GLY A 59 20.25 14.10 13.73
C GLY A 59 19.76 15.17 12.78
N PHE A 60 18.45 15.41 12.68
CA PHE A 60 17.98 16.49 11.82
C PHE A 60 18.38 17.84 12.39
N THR A 61 18.82 18.75 11.50
CA THR A 61 19.28 20.07 11.95
C THR A 61 18.10 20.97 12.31
N THR A 62 17.03 20.92 11.53
CA THR A 62 15.79 21.62 11.86
C THR A 62 14.60 20.70 11.71
N PHE A 63 13.66 20.82 12.65
CA PHE A 63 12.37 20.16 12.57
C PHE A 63 11.33 21.26 12.31
N TYR A 64 10.79 21.28 11.11
CA TYR A 64 9.76 22.22 10.70
C TYR A 64 8.38 21.62 10.95
N VAL A 65 7.48 22.40 11.53
CA VAL A 65 6.11 21.97 11.75
C VAL A 65 5.18 22.95 11.06
N THR A 66 4.33 22.45 10.17
CA THR A 66 3.39 23.35 9.48
C THR A 66 2.17 23.56 10.38
N VAL A 67 2.22 24.64 11.17
CA VAL A 67 1.23 24.87 12.21
C VAL A 67 -0.15 25.12 11.61
N SER A 68 -0.21 25.93 10.57
CA SER A 68 -1.52 26.38 10.11
C SER A 68 -1.43 26.88 8.68
N SER A 69 -2.55 26.78 7.97
CA SER A 69 -2.73 27.45 6.70
C SER A 69 -3.45 28.77 6.93
N VAL A 70 -3.49 29.62 5.89
CA VAL A 70 -4.35 30.78 5.96
C VAL A 70 -5.81 30.34 6.12
N ALA A 71 -6.21 29.32 5.35
CA ALA A 71 -7.59 28.86 5.39
C ALA A 71 -8.01 28.43 6.80
N ASN A 72 -7.07 27.90 7.58
CA ASN A 72 -7.36 27.47 8.95
C ASN A 72 -7.94 28.60 9.78
N TYR A 73 -7.59 29.85 9.45
CA TYR A 73 -8.07 30.96 10.26
C TYR A 73 -9.48 31.41 9.90
N SER A 74 -10.17 30.74 8.96
CA SER A 74 -11.58 30.98 8.74
C SER A 74 -12.48 30.09 9.60
N ARG A 75 -11.89 29.21 10.40
CA ARG A 75 -12.60 28.43 11.40
C ARG A 75 -13.08 29.37 12.52
N SER A 76 -13.88 28.83 13.44
CA SER A 76 -14.42 29.64 14.53
C SER A 76 -13.29 30.11 15.44
N GLU A 77 -13.54 31.24 16.13
CA GLU A 77 -12.54 31.78 17.06
C GLU A 77 -12.15 30.75 18.13
N GLU A 78 -13.11 29.93 18.58
CA GLU A 78 -12.80 28.92 19.59
C GLU A 78 -11.86 27.86 19.04
N GLN A 79 -12.11 27.38 17.82
CA GLN A 79 -11.23 26.40 17.22
C GLN A 79 -9.82 26.96 17.00
N VAL A 80 -9.74 28.20 16.53
CA VAL A 80 -8.44 28.84 16.32
C VAL A 80 -7.68 28.94 17.63
N THR A 81 -8.35 29.36 18.70
CA THR A 81 -7.70 29.48 20.00
C THR A 81 -7.22 28.13 20.50
N THR A 82 -8.06 27.10 20.39
CA THR A 82 -7.69 25.75 20.82
C THR A 82 -6.44 25.25 20.09
N ALA A 83 -6.43 25.37 18.75
CA ALA A 83 -5.29 24.91 17.97
C ALA A 83 -4.03 25.70 18.32
N MET A 84 -4.12 27.03 18.27
CA MET A 84 -2.92 27.85 18.49
C MET A 84 -2.36 27.65 19.89
N ASN A 85 -3.23 27.49 20.90
CA ASN A 85 -2.73 27.21 22.23
C ASN A 85 -2.04 25.86 22.28
N ALA A 86 -2.60 24.85 21.61
CA ALA A 86 -1.99 23.53 21.64
C ALA A 86 -0.61 23.53 20.99
N PHE A 87 -0.48 24.23 19.86
CA PHE A 87 0.84 24.33 19.23
C PHE A 87 1.81 25.15 20.07
N THR A 88 1.37 26.29 20.60
CA THR A 88 2.25 27.12 21.43
C THR A 88 2.72 26.35 22.66
N GLU A 89 1.87 25.50 23.23
CA GLU A 89 2.24 24.72 24.41
C GLU A 89 3.45 23.83 24.15
N VAL A 90 3.57 23.28 22.94
CA VAL A 90 4.78 22.54 22.57
C VAL A 90 6.01 23.41 22.84
N VAL A 91 5.95 24.66 22.38
CA VAL A 91 7.09 25.55 22.53
C VAL A 91 7.31 25.90 23.99
N ARG A 92 6.22 26.12 24.73
CA ARG A 92 6.36 26.37 26.16
C ARG A 92 7.14 25.23 26.82
N ARG A 93 6.90 23.98 26.41
CA ARG A 93 7.54 22.87 27.10
C ARG A 93 8.99 22.66 26.67
N CYS A 94 9.32 22.83 25.39
CA CYS A 94 10.64 22.44 24.91
C CYS A 94 11.58 23.61 24.63
N HIS A 95 11.08 24.85 24.61
CA HIS A 95 11.84 25.97 24.06
C HIS A 95 13.18 26.18 24.77
N ASP A 96 13.29 25.75 26.02
CA ASP A 96 14.48 26.05 26.80
C ASP A 96 15.71 25.28 26.34
N THR A 97 15.53 24.18 25.61
CA THR A 97 16.63 23.28 25.27
C THR A 97 16.94 23.25 23.78
N LEU A 98 16.30 24.10 22.99
CA LEU A 98 16.54 24.13 21.56
C LEU A 98 16.42 25.57 21.08
N ASN A 99 16.73 25.77 19.81
CA ASN A 99 16.52 27.03 19.12
C ASN A 99 15.13 27.03 18.51
N PHE A 100 14.32 28.03 18.85
CA PHE A 100 12.98 28.13 18.32
C PHE A 100 12.87 29.31 17.39
N ASN A 101 12.21 29.12 16.24
CA ASN A 101 11.98 30.20 15.30
C ASN A 101 10.63 29.96 14.64
N TYR A 102 10.13 30.99 13.95
CA TYR A 102 8.82 30.90 13.31
C TYR A 102 8.77 31.88 12.14
N SER A 103 7.82 31.64 11.23
CA SER A 103 7.65 32.46 10.04
C SER A 103 6.26 32.18 9.47
N GLY A 104 5.91 32.93 8.42
CA GLY A 104 4.69 32.70 7.69
C GLY A 104 3.91 33.97 7.45
N THR A 105 2.62 33.82 7.14
CA THR A 105 1.72 34.96 6.94
C THR A 105 1.26 35.43 8.31
N LEU A 106 2.13 36.18 8.98
CA LEU A 106 1.90 36.52 10.38
C LEU A 106 0.71 37.45 10.59
N GLU A 107 0.28 38.19 9.57
CA GLU A 107 -0.82 39.13 9.79
C GLU A 107 -2.16 38.44 9.95
N VAL A 108 -2.27 37.15 9.63
CA VAL A 108 -3.52 36.43 9.85
C VAL A 108 -3.51 35.65 11.16
N VAL A 109 -2.39 35.63 11.88
CA VAL A 109 -2.30 34.98 13.18
C VAL A 109 -2.76 35.96 14.25
N PRO A 110 -3.69 35.60 15.12
CA PRO A 110 -4.08 36.54 16.18
C PRO A 110 -2.85 36.95 16.99
N GLU A 111 -2.77 38.25 17.30
CA GLU A 111 -1.52 38.83 17.80
C GLU A 111 -1.06 38.21 19.11
N ARG A 112 -2.00 37.73 19.93
CA ARG A 112 -1.66 37.10 21.21
C ARG A 112 -0.64 35.99 21.04
N TRP A 113 -0.85 35.14 20.04
CA TRP A 113 0.05 34.02 19.82
C TRP A 113 1.38 34.49 19.27
N LEU A 114 1.39 35.54 18.44
CA LEU A 114 2.65 36.09 17.96
C LEU A 114 3.48 36.67 19.09
N THR A 115 2.84 37.38 20.03
CA THR A 115 3.56 37.91 21.17
C THR A 115 4.15 36.80 22.02
N GLU A 116 3.34 35.77 22.32
CA GLU A 116 3.87 34.69 23.15
C GLU A 116 4.98 33.93 22.42
N LEU A 117 4.80 33.62 21.13
CA LEU A 117 5.84 32.89 20.41
C LEU A 117 7.11 33.70 20.26
N GLU A 118 7.00 35.03 20.14
CA GLU A 118 8.20 35.85 20.10
C GLU A 118 8.93 35.82 21.44
N ALA A 119 8.19 35.93 22.55
CA ALA A 119 8.82 35.79 23.86
C ALA A 119 9.50 34.44 24.01
N LEU A 120 8.84 33.37 23.57
CA LEU A 120 9.44 32.03 23.64
C LEU A 120 10.69 31.96 22.76
N ARG A 121 10.67 32.59 21.58
CA ARG A 121 11.85 32.58 20.73
C ARG A 121 13.02 33.29 21.40
N ALA A 122 12.75 34.45 22.01
CA ALA A 122 13.80 35.17 22.72
C ALA A 122 14.34 34.33 23.88
N LYS A 123 13.48 33.55 24.53
CA LYS A 123 13.93 32.73 25.66
C LYS A 123 14.59 31.42 25.23
N SER A 124 14.53 31.05 23.95
CA SER A 124 15.06 29.77 23.52
C SER A 124 16.59 29.82 23.40
N ASP A 125 17.19 28.63 23.25
CA ASP A 125 18.65 28.49 23.14
C ASP A 125 19.09 28.71 21.70
N SER A 126 19.44 29.97 21.37
CA SER A 126 19.88 30.25 20.00
C SER A 126 21.19 29.55 19.66
N GLN A 127 21.93 29.06 20.64
CA GLN A 127 23.19 28.36 20.37
C GLN A 127 23.01 26.88 20.07
N SER A 128 21.81 26.34 20.27
CA SER A 128 21.56 24.91 20.11
C SER A 128 21.85 24.48 18.68
N ASP A 129 22.34 23.26 18.53
CA ASP A 129 22.53 22.68 17.21
C ASP A 129 21.26 22.07 16.65
N PHE A 130 20.12 22.29 17.32
CA PHE A 130 18.83 21.80 16.85
C PHE A 130 17.82 22.94 16.89
N THR A 131 17.04 23.08 15.82
CA THR A 131 16.04 24.12 15.70
C THR A 131 14.65 23.51 15.54
N LEU A 132 13.69 24.00 16.30
CA LEU A 132 12.27 23.77 16.05
C LEU A 132 11.70 25.01 15.38
N HIS A 133 11.07 24.83 14.21
CA HIS A 133 10.62 25.98 13.43
C HIS A 133 9.16 25.84 13.07
N PHE A 134 8.34 26.79 13.53
CA PHE A 134 6.91 26.82 13.21
C PHE A 134 6.67 27.69 11.99
N ILE A 135 5.90 27.18 11.04
CA ILE A 135 5.37 28.01 9.95
C ILE A 135 3.87 28.11 10.13
N MET A 136 3.36 29.34 10.17
CA MET A 136 1.96 29.62 10.40
C MET A 136 1.38 30.38 9.21
N GLY A 137 0.11 30.15 8.95
CA GLY A 137 -0.53 30.78 7.81
C GLY A 137 0.12 30.44 6.48
N MET A 138 0.46 29.17 6.28
CA MET A 138 1.05 28.76 5.02
C MET A 138 0.05 28.87 3.89
N SER A 139 0.53 29.37 2.76
CA SER A 139 -0.24 29.52 1.54
C SER A 139 0.70 30.14 0.52
N LEU A 140 1.01 29.42 -0.55
CA LEU A 140 1.97 29.93 -1.53
C LEU A 140 1.52 31.26 -2.12
N ALA A 141 0.22 31.39 -2.39
CA ALA A 141 -0.29 32.65 -2.94
C ALA A 141 -0.01 33.81 -2.00
N HIS A 142 -0.30 33.64 -0.70
CA HIS A 142 -0.05 34.71 0.25
C HIS A 142 1.44 34.97 0.42
N GLU A 143 2.25 33.91 0.38
CA GLU A 143 3.70 34.06 0.52
C GLU A 143 4.28 34.89 -0.62
N VAL A 144 3.90 34.53 -1.86
CA VAL A 144 4.37 35.26 -3.03
C VAL A 144 3.87 36.70 -3.01
N ILE A 145 2.58 36.90 -2.68
CA ILE A 145 2.03 38.25 -2.61
C ILE A 145 2.78 39.09 -1.58
N GLY A 146 3.10 38.50 -0.43
CA GLY A 146 3.82 39.24 0.58
C GLY A 146 5.21 39.65 0.13
N ILE A 147 5.92 38.74 -0.54
CA ILE A 147 7.27 39.06 -1.01
C ILE A 147 7.22 40.15 -2.07
N PHE A 148 6.30 40.03 -3.04
CA PHE A 148 6.13 41.07 -4.04
C PHE A 148 5.86 42.42 -3.39
N ASN A 149 4.84 42.48 -2.53
CA ASN A 149 4.46 43.76 -1.94
C ASN A 149 5.58 44.35 -1.10
N LYS A 150 6.40 43.49 -0.48
CA LYS A 150 7.56 43.98 0.25
C LYS A 150 8.55 44.67 -0.68
N PHE A 151 8.85 44.06 -1.83
CA PHE A 151 9.90 44.60 -2.68
C PHE A 151 9.38 45.44 -3.86
N ASN A 152 8.07 45.55 -4.02
CA ASN A 152 7.46 46.26 -5.15
C ASN A 152 8.03 47.67 -5.29
N GLY A 153 8.67 47.92 -6.43
CA GLY A 153 9.20 49.23 -6.72
C GLY A 153 10.43 49.63 -5.93
N LYS A 154 11.00 48.73 -5.15
CA LYS A 154 12.14 49.04 -4.29
C LYS A 154 13.43 48.33 -4.70
N ILE A 155 13.37 47.40 -5.64
CA ILE A 155 14.55 46.70 -6.15
C ILE A 155 14.46 46.68 -7.66
N PRO A 156 15.60 46.55 -8.35
CA PRO A 156 15.54 46.49 -9.82
C PRO A 156 14.95 45.20 -10.35
N ALA A 157 15.21 44.08 -9.67
CA ALA A 157 14.70 42.77 -10.08
C ALA A 157 14.79 41.83 -8.89
N LEU A 158 13.86 40.87 -8.83
CA LEU A 158 13.94 39.82 -7.83
C LEU A 158 14.92 38.75 -8.29
N THR A 159 15.79 38.32 -7.38
CA THR A 159 16.76 37.27 -7.63
C THR A 159 16.45 36.04 -6.78
N GLU A 160 17.05 34.90 -7.16
CA GLU A 160 16.91 33.68 -6.38
C GLU A 160 17.41 33.86 -4.95
N GLU A 161 18.50 34.60 -4.75
CA GLU A 161 19.02 34.79 -3.38
C GLU A 161 18.01 35.55 -2.52
N LEU A 162 17.45 36.63 -3.05
CA LEU A 162 16.49 37.39 -2.27
C LEU A 162 15.24 36.57 -1.97
N LEU A 163 14.74 35.84 -2.97
CA LEU A 163 13.59 34.98 -2.76
C LEU A 163 13.88 33.94 -1.68
N ALA A 164 15.02 33.27 -1.79
CA ALA A 164 15.41 32.28 -0.80
C ALA A 164 15.51 32.88 0.58
N ALA A 165 16.03 34.11 0.67
CA ALA A 165 16.18 34.81 1.94
C ALA A 165 14.85 35.33 2.49
N ASN A 166 13.79 35.34 1.69
CA ASN A 166 12.50 35.82 2.18
C ASN A 166 11.38 34.79 2.17
N ALA A 167 11.64 33.57 1.73
CA ALA A 167 10.62 32.52 1.79
C ALA A 167 10.34 32.14 3.24
N TYR A 168 9.10 31.68 3.48
CA TYR A 168 8.71 31.28 4.83
C TYR A 168 9.65 30.23 5.39
N VAL A 169 9.96 29.21 4.59
CA VAL A 169 10.89 28.16 4.97
C VAL A 169 12.28 28.58 4.49
N PRO A 170 13.23 28.79 5.39
CA PRO A 170 14.48 29.48 5.02
C PRO A 170 15.49 28.60 4.29
N GLU A 171 15.14 27.35 3.96
CA GLU A 171 16.05 26.47 3.25
C GLU A 171 15.22 25.40 2.55
N PRO A 172 15.83 24.68 1.60
CA PRO A 172 15.12 23.52 1.02
C PRO A 172 14.91 22.44 2.07
N VAL A 173 13.73 21.82 2.02
CA VAL A 173 13.37 20.74 2.94
C VAL A 173 13.76 19.40 2.33
N ASP A 174 14.46 18.56 3.09
CA ASP A 174 14.84 17.23 2.61
C ASP A 174 13.67 16.25 2.62
N PHE A 175 13.09 16.03 3.79
CA PHE A 175 12.04 15.04 4.00
C PHE A 175 10.83 15.74 4.59
N LEU A 176 9.65 15.39 4.12
CA LEU A 176 8.42 15.82 4.76
C LEU A 176 7.48 14.63 4.95
N ILE A 177 6.86 14.58 6.12
CA ILE A 177 5.99 13.50 6.52
C ILE A 177 4.59 14.06 6.75
N ARG A 178 3.59 13.44 6.15
CA ARG A 178 2.19 13.78 6.39
C ARG A 178 1.40 12.56 6.82
N PRO A 179 1.15 12.40 8.11
CA PRO A 179 0.24 11.35 8.57
C PRO A 179 -1.20 11.78 8.30
N GLY A 180 -2.14 10.88 8.61
CA GLY A 180 -3.54 11.22 8.53
C GLY A 180 -4.26 10.77 7.28
N GLY A 181 -3.58 10.11 6.34
CA GLY A 181 -4.24 9.47 5.23
C GLY A 181 -4.54 10.35 4.03
N HIS A 182 -4.44 11.67 4.16
CA HIS A 182 -4.65 12.51 2.99
C HIS A 182 -3.39 12.56 2.15
N VAL A 183 -3.51 12.25 0.88
CA VAL A 183 -2.35 12.27 0.00
C VAL A 183 -2.46 13.54 -0.81
N ARG A 184 -1.98 14.63 -0.22
CA ARG A 184 -2.08 15.97 -0.79
C ARG A 184 -1.23 16.88 0.08
N MET A 185 -0.88 18.03 -0.48
CA MET A 185 -0.05 18.99 0.23
C MET A 185 -0.84 20.15 0.83
N SER A 186 -2.10 20.33 0.43
CA SER A 186 -2.94 21.41 0.96
C SER A 186 -2.17 22.71 0.71
N SER A 187 -2.13 23.64 1.67
CA SER A 187 -1.39 24.89 1.55
C SER A 187 0.07 24.79 2.00
N PHE A 188 0.59 23.58 2.20
CA PHE A 188 1.83 23.39 2.95
C PHE A 188 3.08 23.12 2.11
N TYR A 189 3.01 23.19 0.78
CA TYR A 189 4.20 22.85 0.00
C TYR A 189 5.27 23.93 0.19
N PRO A 190 6.51 23.56 0.48
CA PRO A 190 7.57 24.55 0.76
C PRO A 190 8.10 25.16 -0.54
N LEU A 191 8.00 26.48 -0.65
CA LEU A 191 8.29 27.19 -1.89
C LEU A 191 9.62 26.77 -2.51
N MET A 192 10.69 26.74 -1.70
CA MET A 192 12.04 26.55 -2.22
C MET A 192 12.53 25.12 -2.06
N SER A 193 11.62 24.12 -2.10
CA SER A 193 11.97 22.71 -1.94
C SER A 193 11.53 21.94 -3.17
N PRO A 194 12.11 22.22 -4.35
CA PRO A 194 11.65 21.51 -5.56
C PRO A 194 11.83 20.02 -5.48
N PHE A 195 12.83 19.53 -4.75
CA PHE A 195 13.14 18.10 -4.66
C PHE A 195 12.93 17.52 -3.27
N ALA A 196 12.05 18.13 -2.45
CA ALA A 196 11.74 17.51 -1.17
C ALA A 196 11.14 16.13 -1.40
N GLU A 197 11.55 15.16 -0.58
CA GLU A 197 10.97 13.82 -0.58
C GLU A 197 9.76 13.81 0.34
N MET A 198 8.66 13.25 -0.14
CA MET A 198 7.39 13.25 0.56
C MET A 198 7.02 11.85 1.00
N TYR A 199 6.46 11.74 2.20
CA TYR A 199 6.04 10.48 2.77
C TYR A 199 4.66 10.67 3.35
N PHE A 200 3.72 9.84 2.92
CA PHE A 200 2.35 9.85 3.42
C PHE A 200 2.06 8.54 4.12
N CYS A 201 1.33 8.59 5.23
CA CYS A 201 0.87 7.37 5.87
C CYS A 201 -0.52 7.59 6.42
N PRO A 202 -1.32 6.52 6.51
CA PRO A 202 -2.71 6.69 6.98
C PRO A 202 -2.82 6.94 8.48
N THR A 203 -1.83 6.50 9.27
CA THR A 203 -1.88 6.65 10.72
C THR A 203 -2.13 8.10 11.12
N LEU A 204 -3.10 8.31 12.02
CA LEU A 204 -3.32 9.65 12.56
C LEU A 204 -2.12 10.09 13.37
N LEU A 205 -1.85 11.40 13.35
CA LEU A 205 -0.69 11.93 14.06
C LEU A 205 -0.68 11.48 15.52
N ASN A 206 -1.83 11.59 16.20
CA ASN A 206 -1.89 11.23 17.61
C ASN A 206 -1.72 9.74 17.88
N ASP A 207 -1.78 8.90 16.83
CA ASP A 207 -1.48 7.48 16.95
C ASP A 207 -0.06 7.12 16.55
N MET A 208 0.72 8.07 16.01
CA MET A 208 2.06 7.73 15.52
C MET A 208 2.98 7.34 16.66
N THR A 209 3.66 6.20 16.52
CA THR A 209 4.67 5.73 17.46
C THR A 209 6.08 6.01 16.92
N ARG A 210 7.06 5.84 17.81
CA ARG A 210 8.44 5.93 17.36
C ARG A 210 8.72 4.92 16.25
N ALA A 211 8.08 3.75 16.30
CA ALA A 211 8.29 2.78 15.24
C ALA A 211 7.73 3.28 13.90
N ASP A 212 6.56 3.92 13.92
CA ASP A 212 6.00 4.50 12.69
C ASP A 212 6.97 5.51 12.10
N PHE A 213 7.49 6.39 12.95
CA PHE A 213 8.47 7.38 12.52
C PHE A 213 9.72 6.72 11.92
N ASP A 214 10.24 5.69 12.59
CA ASP A 214 11.46 5.02 12.13
C ASP A 214 11.24 4.36 10.77
N VAL A 215 10.09 3.74 10.56
CA VAL A 215 9.83 3.10 9.27
C VAL A 215 9.66 4.15 8.18
N ALA A 216 9.08 5.30 8.53
CA ALA A 216 9.07 6.43 7.60
C ALA A 216 10.50 6.82 7.22
N LEU A 217 11.40 6.86 8.21
CA LEU A 217 12.78 7.26 7.93
C LEU A 217 13.51 6.22 7.10
N GLU A 218 13.23 4.93 7.30
CA GLU A 218 13.80 3.89 6.42
C GLU A 218 13.40 4.16 4.97
N ASP A 219 12.09 4.42 4.77
CA ASP A 219 11.58 4.73 3.44
C ASP A 219 12.27 5.95 2.85
N LEU A 220 12.28 7.06 3.59
CA LEU A 220 12.81 8.32 3.08
C LEU A 220 14.31 8.24 2.81
N ARG A 221 15.07 7.65 3.74
CA ARG A 221 16.52 7.58 3.61
C ARG A 221 16.95 6.60 2.53
N GLU A 222 16.10 5.64 2.16
CA GLU A 222 16.50 4.71 1.10
C GLU A 222 16.28 5.26 -0.32
N ARG A 223 15.73 6.48 -0.46
CA ARG A 223 15.36 6.96 -1.77
C ARG A 223 16.54 7.57 -2.52
N ASP A 224 16.62 7.25 -3.81
CA ASP A 224 17.62 7.78 -4.73
C ASP A 224 17.21 9.20 -5.14
N ARG A 225 17.93 10.20 -4.66
CA ARG A 225 17.61 11.60 -4.93
C ARG A 225 18.42 12.07 -6.14
N ARG A 226 17.73 12.48 -7.20
CA ARG A 226 18.38 12.77 -8.46
C ARG A 226 18.38 14.25 -8.84
N TYR A 227 17.49 15.04 -8.27
CA TYR A 227 17.49 16.49 -8.49
C TYR A 227 17.37 16.84 -9.97
N GLY A 228 16.62 16.04 -10.73
CA GLY A 228 16.37 16.35 -12.12
C GLY A 228 17.48 15.96 -13.07
N LEU A 229 18.54 15.33 -12.58
CA LEU A 229 19.71 15.00 -13.38
C LEU A 229 19.76 13.50 -13.64
N TYR A 230 20.68 13.10 -14.53
CA TYR A 230 20.89 11.70 -14.85
C TYR A 230 22.27 11.28 -14.39
N PRO A 231 22.40 10.52 -13.28
CA PRO A 231 23.72 10.08 -12.79
C PRO A 231 24.29 8.92 -13.60
N MET B 15 -16.88 24.17 -17.86
CA MET B 15 -16.75 23.84 -16.44
C MET B 15 -15.52 22.96 -16.22
N MET B 16 -14.46 23.58 -15.70
CA MET B 16 -13.14 22.93 -15.73
C MET B 16 -13.06 21.79 -14.71
N THR B 17 -12.53 20.66 -15.18
CA THR B 17 -12.03 19.60 -14.31
C THR B 17 -10.71 19.23 -14.95
N ASN B 18 -9.63 19.23 -14.19
CA ASN B 18 -8.35 19.02 -14.83
C ASN B 18 -7.50 17.95 -14.14
N LEU B 19 -6.55 17.50 -14.93
CA LEU B 19 -5.69 16.40 -14.57
C LEU B 19 -4.28 16.80 -14.98
N MET B 20 -3.32 16.53 -14.09
CA MET B 20 -1.92 16.80 -14.36
C MET B 20 -1.14 15.51 -14.16
N LEU B 21 -0.26 15.20 -15.11
CA LEU B 21 0.58 14.02 -15.07
C LEU B 21 2.03 14.47 -15.00
N LEU B 22 2.80 13.86 -14.10
CA LEU B 22 4.24 14.04 -14.00
C LEU B 22 4.89 12.80 -14.61
N PRO B 23 5.29 12.84 -15.88
CA PRO B 23 5.85 11.63 -16.52
C PRO B 23 7.16 11.23 -15.89
N ASP B 24 7.38 9.92 -15.78
CA ASP B 24 8.56 9.43 -15.09
C ASP B 24 8.76 7.96 -15.45
N GLY B 25 10.01 7.51 -15.36
CA GLY B 25 10.35 6.10 -15.48
C GLY B 25 10.99 5.68 -16.78
N MET B 26 11.38 6.62 -17.63
CA MET B 26 11.85 6.25 -18.97
C MET B 26 13.19 5.51 -18.92
N ARG B 27 14.13 5.93 -18.07
CA ARG B 27 15.40 5.19 -17.98
C ARG B 27 15.21 3.81 -17.41
N ARG B 28 14.50 3.69 -16.30
CA ARG B 28 14.23 2.38 -15.72
C ARG B 28 13.48 1.50 -16.71
N TRP B 29 12.61 2.08 -17.53
CA TRP B 29 11.91 1.27 -18.52
C TRP B 29 12.86 0.81 -19.63
N SER B 30 13.80 1.66 -20.02
CA SER B 30 14.78 1.20 -21.01
C SER B 30 15.64 0.08 -20.45
N GLN B 31 16.08 0.21 -19.19
CA GLN B 31 16.83 -0.86 -18.54
C GLN B 31 15.99 -2.12 -18.38
N LYS B 32 14.70 -1.96 -18.06
CA LYS B 32 13.82 -3.10 -17.86
C LYS B 32 13.60 -3.87 -19.16
N GLN B 33 13.40 -3.14 -20.26
CA GLN B 33 13.12 -3.75 -21.55
C GLN B 33 14.37 -4.08 -22.35
N GLY B 34 15.54 -3.66 -21.90
CA GLY B 34 16.74 -3.89 -22.68
C GLY B 34 16.75 -3.14 -23.99
N ILE B 35 16.32 -1.89 -23.99
CA ILE B 35 16.25 -1.06 -25.17
C ILE B 35 16.97 0.26 -24.88
N SER B 36 17.13 1.05 -25.94
CA SER B 36 17.78 2.35 -25.79
C SER B 36 16.86 3.33 -25.07
N LEU B 37 17.45 4.40 -24.55
CA LEU B 37 16.65 5.48 -23.99
C LEU B 37 15.73 6.09 -25.04
N ASP B 38 16.20 6.13 -26.29
CA ASP B 38 15.37 6.63 -27.39
C ASP B 38 14.14 5.78 -27.60
N ASP B 39 14.31 4.45 -27.59
CA ASP B 39 13.16 3.55 -27.78
C ASP B 39 12.18 3.67 -26.61
N SER B 40 12.71 3.83 -25.39
CA SER B 40 11.85 4.03 -24.23
C SER B 40 11.06 5.33 -24.33
N TYR B 41 11.71 6.42 -24.79
CA TYR B 41 10.98 7.67 -24.97
C TYR B 41 10.00 7.57 -26.14
N ALA B 42 10.25 6.71 -27.11
CA ALA B 42 9.24 6.48 -28.15
C ALA B 42 8.01 5.79 -27.58
N ALA B 43 8.22 4.79 -26.72
CA ALA B 43 7.11 4.20 -25.98
C ALA B 43 6.41 5.25 -25.13
N MET B 44 7.16 6.21 -24.58
CA MET B 44 6.53 7.28 -23.80
C MET B 44 5.65 8.15 -24.69
N THR B 45 6.10 8.45 -25.90
CA THR B 45 5.27 9.21 -26.82
C THR B 45 3.94 8.48 -27.07
N ASP B 46 4.03 7.19 -27.44
CA ASP B 46 2.83 6.40 -27.64
C ASP B 46 1.92 6.44 -26.42
N LYS B 47 2.51 6.21 -25.24
CA LYS B 47 1.73 6.14 -24.00
C LYS B 47 1.05 7.47 -23.70
N LEU B 48 1.74 8.58 -23.95
CA LEU B 48 1.17 9.89 -23.66
C LEU B 48 0.02 10.22 -24.62
N VAL B 49 0.11 9.78 -25.88
CA VAL B 49 -1.06 9.90 -26.76
C VAL B 49 -2.23 9.11 -26.19
N GLU B 50 -1.98 7.85 -25.80
CA GLU B 50 -3.03 7.07 -25.15
C GLU B 50 -3.62 7.81 -23.96
N PHE B 51 -2.74 8.27 -23.07
CA PHE B 51 -3.14 8.92 -21.83
C PHE B 51 -3.96 10.17 -22.11
N THR B 52 -3.55 10.94 -23.11
CA THR B 52 -4.31 12.12 -23.52
C THR B 52 -5.72 11.72 -23.96
N GLY B 53 -5.84 10.64 -24.74
CA GLY B 53 -7.16 10.16 -25.11
C GLY B 53 -7.98 9.73 -23.92
N TRP B 54 -7.35 9.02 -22.96
CA TRP B 54 -8.04 8.62 -21.74
C TRP B 54 -8.56 9.84 -20.98
N ALA B 55 -7.71 10.85 -20.82
CA ALA B 55 -8.11 12.03 -20.07
C ALA B 55 -9.29 12.70 -20.75
N ARG B 56 -9.25 12.77 -22.08
CA ARG B 56 -10.36 13.37 -22.81
C ARG B 56 -11.65 12.58 -22.61
N GLU B 57 -11.59 11.26 -22.75
CA GLU B 57 -12.78 10.43 -22.56
C GLU B 57 -13.36 10.60 -21.16
N GLU B 58 -12.51 10.81 -20.16
CA GLU B 58 -12.94 10.97 -18.78
C GLU B 58 -13.50 12.36 -18.48
N GLY B 59 -13.60 13.24 -19.46
CA GLY B 59 -14.25 14.52 -19.25
C GLY B 59 -13.37 15.61 -18.68
N PHE B 60 -12.06 15.39 -18.57
CA PHE B 60 -11.19 16.48 -18.16
C PHE B 60 -11.13 17.54 -19.25
N THR B 61 -11.20 18.80 -18.82
CA THR B 61 -11.17 19.94 -19.75
C THR B 61 -9.75 20.26 -20.19
N THR B 62 -8.78 20.19 -19.28
CA THR B 62 -7.37 20.32 -19.63
C THR B 62 -6.61 19.17 -19.02
N PHE B 63 -5.68 18.63 -19.80
CA PHE B 63 -4.70 17.64 -19.37
C PHE B 63 -3.34 18.34 -19.37
N TYR B 64 -2.79 18.55 -18.16
CA TYR B 64 -1.48 19.18 -18.01
C TYR B 64 -0.41 18.11 -17.95
N VAL B 65 0.68 18.33 -18.69
CA VAL B 65 1.83 17.44 -18.68
C VAL B 65 3.05 18.26 -18.30
N THR B 66 3.73 17.85 -17.23
CA THR B 66 4.93 18.55 -16.77
C THR B 66 6.10 18.01 -17.55
N VAL B 67 6.41 18.71 -18.66
CA VAL B 67 7.40 18.25 -19.63
C VAL B 67 8.80 18.28 -19.04
N SER B 68 9.15 19.36 -18.34
CA SER B 68 10.52 19.55 -17.89
C SER B 68 10.55 20.55 -16.75
N SER B 69 11.55 20.40 -15.89
CA SER B 69 11.95 21.39 -14.92
C SER B 69 13.11 22.19 -15.47
N VAL B 70 13.46 23.27 -14.77
CA VAL B 70 14.70 23.97 -15.11
C VAL B 70 15.88 23.01 -14.96
N ALA B 71 15.89 22.25 -13.86
CA ALA B 71 17.00 21.33 -13.60
C ALA B 71 17.17 20.30 -14.72
N ASN B 72 16.05 19.87 -15.31
CA ASN B 72 16.12 18.91 -16.42
C ASN B 72 17.02 19.40 -17.56
N TYR B 73 17.12 20.72 -17.74
CA TYR B 73 17.91 21.22 -18.86
C TYR B 73 19.39 21.27 -18.56
N SER B 74 19.82 20.82 -17.37
CA SER B 74 21.23 20.58 -17.09
C SER B 74 21.65 19.14 -17.40
N ARG B 75 20.71 18.30 -17.85
CA ARG B 75 21.07 17.01 -18.40
C ARG B 75 21.86 17.21 -19.70
N SER B 76 22.38 16.12 -20.25
CA SER B 76 23.18 16.20 -21.46
C SER B 76 22.34 16.70 -22.64
N GLU B 77 23.03 17.29 -23.62
CA GLU B 77 22.33 17.77 -24.82
C GLU B 77 21.58 16.64 -25.51
N GLU B 78 22.14 15.43 -25.50
CA GLU B 78 21.47 14.28 -26.11
C GLU B 78 20.21 13.87 -25.33
N GLN B 79 20.30 13.84 -24.00
CA GLN B 79 19.13 13.53 -23.19
C GLN B 79 18.04 14.59 -23.37
N VAL B 80 18.43 15.87 -23.38
CA VAL B 80 17.47 16.96 -23.59
C VAL B 80 16.81 16.82 -24.96
N THR B 81 17.60 16.54 -26.00
CA THR B 81 17.04 16.40 -27.35
C THR B 81 16.08 15.23 -27.42
N THR B 82 16.48 14.09 -26.86
CA THR B 82 15.63 12.90 -26.88
C THR B 82 14.29 13.16 -26.18
N ALA B 83 14.34 13.73 -24.98
CA ALA B 83 13.11 13.99 -24.24
C ALA B 83 12.23 15.00 -24.98
N MET B 84 12.81 16.15 -25.36
CA MET B 84 12.01 17.20 -25.98
C MET B 84 11.41 16.74 -27.30
N ASN B 85 12.14 15.94 -28.08
CA ASN B 85 11.57 15.42 -29.31
C ASN B 85 10.42 14.48 -29.02
N ALA B 86 10.53 13.65 -27.96
CA ALA B 86 9.45 12.71 -27.65
C ALA B 86 8.16 13.44 -27.24
N PHE B 87 8.28 14.46 -26.38
CA PHE B 87 7.09 15.22 -26.00
C PHE B 87 6.52 15.98 -27.19
N THR B 88 7.40 16.63 -27.96
CA THR B 88 6.95 17.38 -29.13
C THR B 88 6.23 16.46 -30.09
N GLU B 89 6.72 15.23 -30.25
CA GLU B 89 6.08 14.27 -31.12
C GLU B 89 4.65 13.98 -30.65
N VAL B 90 4.44 13.93 -29.32
CA VAL B 90 3.05 13.86 -28.85
C VAL B 90 2.22 14.98 -29.47
N VAL B 91 2.76 16.20 -29.45
CA VAL B 91 1.96 17.31 -29.99
C VAL B 91 1.80 17.19 -31.51
N ARG B 92 2.84 16.74 -32.21
CA ARG B 92 2.73 16.55 -33.66
C ARG B 92 1.57 15.62 -33.98
N ARG B 93 1.41 14.56 -33.18
CA ARG B 93 0.37 13.59 -33.48
C ARG B 93 -1.01 14.08 -33.08
N CYS B 94 -1.13 14.90 -32.03
CA CYS B 94 -2.45 15.21 -31.48
C CYS B 94 -2.99 16.59 -31.86
N HIS B 95 -2.14 17.52 -32.32
CA HIS B 95 -2.53 18.93 -32.36
C HIS B 95 -3.75 19.18 -33.25
N ASP B 96 -3.97 18.34 -34.26
CA ASP B 96 -5.03 18.64 -35.22
C ASP B 96 -6.41 18.42 -34.62
N THR B 97 -6.51 17.63 -33.55
CA THR B 97 -7.80 17.23 -32.98
C THR B 97 -8.02 17.78 -31.57
N LEU B 98 -7.13 18.61 -31.05
CA LEU B 98 -7.35 19.21 -29.75
C LEU B 98 -6.76 20.62 -29.72
N ASN B 99 -7.03 21.33 -28.63
CA ASN B 99 -6.43 22.63 -28.40
C ASN B 99 -5.12 22.42 -27.64
N PHE B 100 -4.02 22.95 -28.20
CA PHE B 100 -2.72 22.79 -27.55
C PHE B 100 -2.23 24.14 -27.03
N ASN B 101 -1.67 24.12 -25.82
CA ASN B 101 -1.08 25.31 -25.23
C ASN B 101 0.14 24.88 -24.43
N TYR B 102 0.98 25.85 -24.08
CA TYR B 102 2.19 25.58 -23.31
C TYR B 102 2.59 26.85 -22.56
N SER B 103 3.42 26.67 -21.55
CA SER B 103 3.87 27.77 -20.70
C SER B 103 5.09 27.30 -19.92
N GLY B 104 5.68 28.21 -19.14
CA GLY B 104 6.77 27.88 -18.25
C GLY B 104 7.91 28.87 -18.39
N THR B 105 9.09 28.44 -17.95
CA THR B 105 10.32 29.23 -18.05
C THR B 105 10.86 29.04 -19.46
N LEU B 106 10.28 29.79 -20.40
CA LEU B 106 10.56 29.52 -21.81
C LEU B 106 11.99 29.86 -22.21
N GLU B 107 12.66 30.74 -21.47
CA GLU B 107 14.02 31.09 -21.86
C GLU B 107 15.03 29.96 -21.63
N VAL B 108 14.66 28.88 -20.93
CA VAL B 108 15.59 27.76 -20.77
C VAL B 108 15.27 26.61 -21.72
N VAL B 109 14.21 26.73 -22.53
CA VAL B 109 13.91 25.71 -23.54
C VAL B 109 14.71 26.03 -24.81
N PRO B 110 15.45 25.07 -25.37
CA PRO B 110 16.18 25.33 -26.63
C PRO B 110 15.23 25.79 -27.73
N GLU B 111 15.71 26.75 -28.53
CA GLU B 111 14.85 27.46 -29.47
C GLU B 111 14.18 26.53 -30.48
N ARG B 112 14.87 25.46 -30.89
CA ARG B 112 14.27 24.55 -31.88
C ARG B 112 12.90 24.06 -31.40
N TRP B 113 12.82 23.63 -30.14
CA TRP B 113 11.57 23.10 -29.62
C TRP B 113 10.54 24.21 -29.43
N LEU B 114 10.95 25.39 -28.95
CA LEU B 114 10.00 26.46 -28.78
C LEU B 114 9.37 26.87 -30.12
N THR B 115 10.20 26.96 -31.16
CA THR B 115 9.69 27.33 -32.48
C THR B 115 8.70 26.28 -32.99
N GLU B 116 9.06 25.01 -32.89
CA GLU B 116 8.13 23.98 -33.37
C GLU B 116 6.84 23.96 -32.54
N LEU B 117 6.97 24.03 -31.21
CA LEU B 117 5.79 23.96 -30.34
C LEU B 117 4.89 25.18 -30.52
N GLU B 118 5.46 26.36 -30.78
CA GLU B 118 4.65 27.54 -31.05
C GLU B 118 3.89 27.39 -32.36
N ALA B 119 4.56 26.87 -33.40
CA ALA B 119 3.85 26.60 -34.65
C ALA B 119 2.70 25.61 -34.44
N LEU B 120 2.96 24.55 -33.68
CA LEU B 120 1.91 23.56 -33.41
C LEU B 120 0.76 24.17 -32.60
N ARG B 121 1.07 25.03 -31.63
CA ARG B 121 0.02 25.68 -30.85
C ARG B 121 -0.86 26.52 -31.76
N ALA B 122 -0.22 27.34 -32.62
CA ALA B 122 -0.98 28.19 -33.54
C ALA B 122 -1.82 27.35 -34.49
N LYS B 123 -1.33 26.17 -34.88
CA LYS B 123 -1.98 25.24 -35.79
C LYS B 123 -3.05 24.37 -35.12
N SER B 124 -3.14 24.35 -33.79
CA SER B 124 -4.01 23.40 -33.12
C SER B 124 -5.49 23.81 -33.23
N ASP B 125 -6.36 22.88 -32.84
CA ASP B 125 -7.81 23.11 -32.96
C ASP B 125 -8.27 23.91 -31.74
N SER B 126 -8.25 25.24 -31.89
CA SER B 126 -8.67 26.14 -30.82
C SER B 126 -10.15 26.00 -30.48
N GLN B 127 -10.96 25.35 -31.33
CA GLN B 127 -12.38 25.20 -31.02
C GLN B 127 -12.65 23.99 -30.15
N SER B 128 -11.65 23.11 -29.96
CA SER B 128 -11.85 21.91 -29.17
C SER B 128 -12.16 22.25 -27.71
N ASP B 129 -13.07 21.48 -27.11
CA ASP B 129 -13.36 21.64 -25.69
C ASP B 129 -12.38 20.87 -24.79
N PHE B 130 -11.29 20.36 -25.37
CA PHE B 130 -10.29 19.63 -24.62
C PHE B 130 -8.93 20.25 -24.93
N THR B 131 -8.14 20.49 -23.89
CA THR B 131 -6.84 21.12 -24.02
C THR B 131 -5.73 20.21 -23.50
N LEU B 132 -4.70 20.03 -24.30
CA LEU B 132 -3.42 19.47 -23.86
C LEU B 132 -2.47 20.64 -23.62
N HIS B 133 -1.93 20.75 -22.41
CA HIS B 133 -1.12 21.90 -22.03
C HIS B 133 0.21 21.42 -21.44
N PHE B 134 1.30 21.78 -22.11
CA PHE B 134 2.65 21.46 -21.67
C PHE B 134 3.20 22.58 -20.79
N ILE B 135 3.80 22.23 -19.65
CA ILE B 135 4.59 23.18 -18.88
C ILE B 135 6.05 22.74 -18.96
N MET B 136 6.93 23.66 -19.35
CA MET B 136 8.35 23.38 -19.54
C MET B 136 9.16 24.31 -18.67
N GLY B 137 10.34 23.86 -18.24
CA GLY B 137 11.15 24.67 -17.34
C GLY B 137 10.44 25.00 -16.05
N MET B 138 9.75 24.02 -15.46
CA MET B 138 9.04 24.26 -14.21
C MET B 138 10.01 24.50 -13.07
N SER B 139 9.69 25.50 -12.27
CA SER B 139 10.47 25.87 -11.10
C SER B 139 9.74 27.03 -10.42
N LEU B 140 9.28 26.80 -9.18
CA LEU B 140 8.52 27.84 -8.49
C LEU B 140 9.35 29.11 -8.35
N ALA B 141 10.65 28.97 -8.06
CA ALA B 141 11.51 30.14 -7.91
C ALA B 141 11.54 30.98 -9.18
N HIS B 142 11.77 30.34 -10.33
CA HIS B 142 11.81 31.06 -11.59
C HIS B 142 10.45 31.66 -11.92
N GLU B 143 9.37 30.91 -11.64
CA GLU B 143 8.02 31.39 -11.92
C GLU B 143 7.71 32.66 -11.14
N VAL B 144 7.98 32.64 -9.84
CA VAL B 144 7.75 33.80 -8.99
C VAL B 144 8.60 34.98 -9.44
N ILE B 145 9.89 34.73 -9.75
CA ILE B 145 10.80 35.80 -10.17
C ILE B 145 10.28 36.47 -11.45
N GLY B 146 9.83 35.67 -12.43
CA GLY B 146 9.30 36.26 -13.65
C GLY B 146 8.07 37.11 -13.40
N ILE B 147 7.17 36.64 -12.53
CA ILE B 147 5.96 37.40 -12.20
C ILE B 147 6.32 38.71 -11.53
N PHE B 148 7.24 38.66 -10.57
CA PHE B 148 7.69 39.86 -9.89
C PHE B 148 8.25 40.86 -10.89
N ASN B 149 9.19 40.42 -11.72
CA ASN B 149 9.84 41.33 -12.66
C ASN B 149 8.85 41.92 -13.65
N LYS B 150 7.82 41.14 -14.01
CA LYS B 150 6.77 41.69 -14.88
C LYS B 150 6.02 42.83 -14.21
N PHE B 151 5.65 42.68 -12.93
CA PHE B 151 4.81 43.69 -12.31
C PHE B 151 5.55 44.70 -11.43
N ASN B 152 6.85 44.50 -11.21
CA ASN B 152 7.64 45.36 -10.34
C ASN B 152 7.45 46.84 -10.65
N GLY B 153 6.97 47.59 -9.66
CA GLY B 153 6.80 49.02 -9.80
C GLY B 153 5.65 49.47 -10.69
N LYS B 154 4.84 48.53 -11.19
CA LYS B 154 3.78 48.85 -12.14
C LYS B 154 2.38 48.68 -11.56
N ILE B 155 2.24 48.08 -10.39
CA ILE B 155 0.95 47.95 -9.72
C ILE B 155 1.15 48.35 -8.27
N PRO B 156 0.09 48.80 -7.58
CA PRO B 156 0.25 49.13 -6.16
C PRO B 156 0.49 47.91 -5.28
N ALA B 157 -0.06 46.75 -5.65
CA ALA B 157 0.11 45.52 -4.89
C ALA B 157 -0.22 44.34 -5.79
N LEU B 158 0.43 43.21 -5.54
CA LEU B 158 0.09 41.99 -6.26
C LEU B 158 -1.16 41.40 -5.63
N THR B 159 -2.12 41.00 -6.47
CA THR B 159 -3.36 40.40 -5.99
C THR B 159 -3.40 38.94 -6.39
N GLU B 160 -4.28 38.19 -5.71
CA GLU B 160 -4.46 36.79 -6.05
C GLU B 160 -4.90 36.62 -7.50
N GLU B 161 -5.74 37.54 -7.98
CA GLU B 161 -6.22 37.46 -9.35
C GLU B 161 -5.08 37.62 -10.35
N LEU B 162 -4.21 38.62 -10.13
CA LEU B 162 -3.07 38.84 -11.02
C LEU B 162 -2.09 37.67 -10.98
N LEU B 163 -1.79 37.19 -9.78
CA LEU B 163 -0.90 36.05 -9.64
C LEU B 163 -1.46 34.85 -10.39
N ALA B 164 -2.75 34.55 -10.19
CA ALA B 164 -3.39 33.44 -10.90
C ALA B 164 -3.34 33.64 -12.40
N ALA B 165 -3.52 34.89 -12.84
CA ALA B 165 -3.50 35.17 -14.28
C ALA B 165 -2.10 35.07 -14.86
N ASN B 166 -1.05 35.02 -14.04
CA ASN B 166 0.30 34.92 -14.58
C ASN B 166 1.07 33.66 -14.17
N ALA B 167 0.47 32.78 -13.38
CA ALA B 167 1.12 31.51 -13.03
C ALA B 167 1.26 30.63 -14.28
N TYR B 168 2.28 29.76 -14.26
CA TYR B 168 2.52 28.83 -15.37
C TYR B 168 1.30 27.95 -15.63
N VAL B 169 0.71 27.38 -14.59
CA VAL B 169 -0.51 26.59 -14.72
C VAL B 169 -1.67 27.54 -14.50
N PRO B 170 -2.47 27.85 -15.53
CA PRO B 170 -3.41 28.98 -15.45
C PRO B 170 -4.68 28.69 -14.67
N GLU B 171 -4.81 27.54 -14.01
CA GLU B 171 -5.99 27.29 -13.20
C GLU B 171 -5.60 26.28 -12.12
N PRO B 172 -6.41 26.14 -11.07
CA PRO B 172 -6.12 25.11 -10.07
C PRO B 172 -6.21 23.71 -10.67
N VAL B 173 -5.32 22.83 -10.20
CA VAL B 173 -5.31 21.45 -10.64
C VAL B 173 -6.19 20.61 -9.72
N ASP B 174 -7.13 19.86 -10.30
CA ASP B 174 -7.96 18.96 -9.50
C ASP B 174 -7.16 17.75 -9.04
N PHE B 175 -6.59 17.02 -10.01
CA PHE B 175 -5.88 15.78 -9.71
C PHE B 175 -4.46 15.81 -10.27
N LEU B 176 -3.51 15.26 -9.51
CA LEU B 176 -2.14 15.12 -9.98
C LEU B 176 -1.71 13.67 -9.79
N ILE B 177 -1.14 13.09 -10.84
CA ILE B 177 -0.74 11.68 -10.86
C ILE B 177 0.75 11.60 -11.13
N ARG B 178 1.49 10.85 -10.32
CA ARG B 178 2.89 10.56 -10.61
C ARG B 178 3.16 9.06 -10.52
N PRO B 179 3.25 8.38 -11.66
CA PRO B 179 3.68 6.98 -11.68
C PRO B 179 5.20 6.90 -11.56
N GLY B 180 5.69 5.67 -11.45
CA GLY B 180 7.12 5.46 -11.44
C GLY B 180 7.75 5.31 -10.06
N GLY B 181 6.97 5.36 -8.98
CA GLY B 181 7.48 5.04 -7.66
C GLY B 181 8.11 6.17 -6.88
N HIS B 182 8.38 7.31 -7.50
CA HIS B 182 8.92 8.45 -6.76
C HIS B 182 7.79 9.25 -6.13
N VAL B 183 7.93 9.53 -4.84
CA VAL B 183 6.92 10.30 -4.12
C VAL B 183 7.53 11.65 -3.81
N ARG B 184 7.41 12.58 -4.76
CA ARG B 184 8.06 13.88 -4.72
C ARG B 184 7.56 14.68 -5.92
N MET B 185 7.72 16.00 -5.86
CA MET B 185 7.27 16.86 -6.96
C MET B 185 8.35 17.21 -7.95
N SER B 186 9.63 17.11 -7.57
CA SER B 186 10.75 17.27 -8.52
C SER B 186 10.64 18.54 -9.35
N SER B 187 10.27 19.65 -8.72
CA SER B 187 10.15 20.99 -9.32
C SER B 187 8.88 21.14 -10.15
N PHE B 188 7.94 20.18 -10.10
CA PHE B 188 6.75 20.19 -10.96
C PHE B 188 5.49 20.62 -10.22
N TYR B 189 5.61 21.11 -8.99
CA TYR B 189 4.43 21.43 -8.21
C TYR B 189 3.66 22.61 -8.83
N PRO B 190 2.32 22.49 -8.97
CA PRO B 190 1.53 23.59 -9.56
C PRO B 190 1.24 24.67 -8.51
N LEU B 191 1.79 25.86 -8.73
CA LEU B 191 1.81 26.94 -7.74
C LEU B 191 0.45 27.21 -7.11
N MET B 192 -0.58 27.35 -7.95
CA MET B 192 -1.88 27.87 -7.51
C MET B 192 -2.91 26.77 -7.29
N SER B 193 -2.48 25.59 -6.83
CA SER B 193 -3.38 24.47 -6.58
C SER B 193 -3.36 24.04 -5.13
N PRO B 194 -3.78 24.90 -4.20
CA PRO B 194 -3.81 24.48 -2.79
C PRO B 194 -4.71 23.29 -2.51
N PHE B 195 -5.70 22.99 -3.36
CA PHE B 195 -6.62 21.91 -3.03
C PHE B 195 -6.47 20.71 -3.96
N ALA B 196 -5.36 20.61 -4.69
CA ALA B 196 -5.09 19.45 -5.55
C ALA B 196 -4.96 18.19 -4.72
N GLU B 197 -5.51 17.10 -5.24
CA GLU B 197 -5.30 15.75 -4.70
C GLU B 197 -4.19 15.06 -5.48
N MET B 198 -3.29 14.39 -4.77
CA MET B 198 -2.15 13.73 -5.39
C MET B 198 -2.31 12.22 -5.32
N TYR B 199 -1.83 11.54 -6.37
CA TYR B 199 -1.85 10.08 -6.43
C TYR B 199 -0.51 9.62 -6.96
N PHE B 200 0.16 8.72 -6.23
CA PHE B 200 1.45 8.18 -6.64
C PHE B 200 1.31 6.68 -6.83
N CYS B 201 1.96 6.14 -7.85
CA CYS B 201 1.92 4.68 -7.97
C CYS B 201 3.25 4.16 -8.47
N PRO B 202 3.60 2.92 -8.12
CA PRO B 202 4.90 2.39 -8.55
C PRO B 202 4.98 2.05 -10.03
N THR B 203 3.86 1.74 -10.68
CA THR B 203 3.88 1.39 -12.10
C THR B 203 4.63 2.43 -12.92
N LEU B 204 5.58 1.99 -13.72
CA LEU B 204 6.25 2.90 -14.63
C LEU B 204 5.24 3.44 -15.65
N LEU B 205 5.44 4.70 -16.06
CA LEU B 205 4.50 5.32 -17.00
C LEU B 205 4.30 4.44 -18.23
N ASN B 206 5.40 3.95 -18.82
CA ASN B 206 5.26 3.16 -20.04
C ASN B 206 4.56 1.82 -19.82
N ASP B 207 4.37 1.38 -18.58
CA ASP B 207 3.61 0.17 -18.28
C ASP B 207 2.17 0.45 -17.88
N MET B 208 1.77 1.71 -17.74
CA MET B 208 0.42 2.02 -17.27
C MET B 208 -0.63 1.57 -18.28
N THR B 209 -1.64 0.85 -17.80
CA THR B 209 -2.78 0.47 -18.61
C THR B 209 -3.96 1.40 -18.32
N ARG B 210 -4.99 1.30 -19.18
CA ARG B 210 -6.23 2.03 -18.94
C ARG B 210 -6.84 1.67 -17.59
N ALA B 211 -6.72 0.40 -17.18
CA ALA B 211 -7.24 0.01 -15.88
C ALA B 211 -6.46 0.68 -14.75
N ASP B 212 -5.13 0.75 -14.88
CA ASP B 212 -4.33 1.47 -13.87
C ASP B 212 -4.79 2.91 -13.73
N PHE B 213 -4.99 3.57 -14.88
CA PHE B 213 -5.49 4.93 -14.89
C PHE B 213 -6.86 5.02 -14.22
N ASP B 214 -7.76 4.08 -14.56
CA ASP B 214 -9.11 4.11 -14.00
C ASP B 214 -9.10 3.95 -12.49
N VAL B 215 -8.28 3.02 -11.95
CA VAL B 215 -8.28 2.87 -10.49
C VAL B 215 -7.60 4.06 -9.83
N ALA B 216 -6.63 4.68 -10.52
CA ALA B 216 -6.09 5.95 -10.01
C ALA B 216 -7.21 6.98 -9.87
N LEU B 217 -8.10 7.06 -10.89
CA LEU B 217 -9.21 8.03 -10.84
C LEU B 217 -10.24 7.64 -9.77
N GLU B 218 -10.50 6.35 -9.58
CA GLU B 218 -11.37 5.94 -8.47
C GLU B 218 -10.80 6.45 -7.15
N ASP B 219 -9.51 6.26 -6.93
CA ASP B 219 -8.86 6.73 -5.72
C ASP B 219 -9.01 8.25 -5.57
N LEU B 220 -8.68 8.99 -6.64
CA LEU B 220 -8.69 10.44 -6.58
C LEU B 220 -10.10 11.00 -6.36
N ARG B 221 -11.09 10.48 -7.09
CA ARG B 221 -12.46 11.00 -7.06
C ARG B 221 -13.24 10.64 -5.79
N GLU B 222 -12.85 9.58 -5.11
CA GLU B 222 -13.59 9.10 -3.96
C GLU B 222 -13.14 9.74 -2.64
N ARG B 223 -12.27 10.74 -2.68
CA ARG B 223 -11.73 11.31 -1.46
C ARG B 223 -12.75 12.28 -0.86
N ASP B 224 -13.22 11.95 0.35
CA ASP B 224 -14.25 12.72 1.04
C ASP B 224 -13.72 13.98 1.69
N MET C 16 -6.25 -23.74 -18.19
CA MET C 16 -4.88 -23.62 -17.68
C MET C 16 -4.86 -22.82 -16.38
N THR C 17 -5.79 -21.88 -16.20
CA THR C 17 -5.87 -21.08 -14.99
C THR C 17 -7.30 -21.00 -14.47
N ASN C 18 -7.44 -20.99 -13.15
CA ASN C 18 -8.74 -20.84 -12.51
C ASN C 18 -8.64 -19.70 -11.51
N LEU C 19 -9.81 -19.25 -11.04
CA LEU C 19 -9.90 -18.08 -10.18
C LEU C 19 -10.92 -18.31 -9.06
N MET C 20 -10.60 -17.86 -7.86
CA MET C 20 -11.50 -17.99 -6.72
C MET C 20 -11.75 -16.61 -6.11
N LEU C 21 -13.00 -16.35 -5.78
CA LEU C 21 -13.42 -15.10 -5.15
C LEU C 21 -14.01 -15.43 -3.78
N LEU C 22 -13.59 -14.66 -2.77
CA LEU C 22 -14.12 -14.70 -1.41
C LEU C 22 -15.03 -13.49 -1.22
N PRO C 23 -16.35 -13.62 -1.37
CA PRO C 23 -17.21 -12.43 -1.27
C PRO C 23 -17.23 -11.90 0.15
N ASP C 24 -17.30 -10.57 0.27
CA ASP C 24 -17.17 -9.91 1.56
C ASP C 24 -17.73 -8.51 1.48
N GLY C 25 -18.23 -8.03 2.62
CA GLY C 25 -18.59 -6.64 2.76
C GLY C 25 -20.07 -6.29 2.69
N MET C 26 -20.97 -7.26 2.70
CA MET C 26 -22.39 -6.95 2.48
C MET C 26 -22.98 -6.14 3.64
N ARG C 27 -22.63 -6.47 4.88
CA ARG C 27 -23.16 -5.72 6.01
C ARG C 27 -22.65 -4.28 5.99
N ARG C 28 -21.35 -4.11 5.79
CA ARG C 28 -20.78 -2.78 5.68
C ARG C 28 -21.34 -2.00 4.50
N TRP C 29 -21.64 -2.68 3.39
CA TRP C 29 -22.22 -1.97 2.25
C TRP C 29 -23.64 -1.50 2.56
N SER C 30 -24.41 -2.32 3.29
CA SER C 30 -25.75 -1.89 3.68
C SER C 30 -25.67 -0.71 4.64
N GLN C 31 -24.73 -0.74 5.59
CA GLN C 31 -24.54 0.40 6.49
C GLN C 31 -24.09 1.64 5.73
N LYS C 32 -23.22 1.47 4.73
CA LYS C 32 -22.70 2.60 3.97
C LYS C 32 -23.80 3.26 3.14
N GLN C 33 -24.63 2.46 2.48
CA GLN C 33 -25.71 3.06 1.71
C GLN C 33 -26.95 3.35 2.53
N GLY C 34 -26.99 2.93 3.80
CA GLY C 34 -28.19 3.11 4.59
C GLY C 34 -29.38 2.34 4.05
N ILE C 35 -29.17 1.09 3.62
CA ILE C 35 -30.21 0.26 3.04
C ILE C 35 -30.26 -1.07 3.78
N SER C 36 -31.27 -1.87 3.44
CA SER C 36 -31.45 -3.14 4.09
C SER C 36 -30.35 -4.12 3.68
N LEU C 37 -30.18 -5.14 4.50
CA LEU C 37 -29.26 -6.22 4.14
C LEU C 37 -29.73 -6.92 2.87
N ASP C 38 -31.05 -7.05 2.68
CA ASP C 38 -31.58 -7.68 1.48
C ASP C 38 -31.14 -6.92 0.23
N ASP C 39 -31.26 -5.59 0.26
CA ASP C 39 -30.86 -4.77 -0.89
C ASP C 39 -29.36 -4.86 -1.14
N SER C 40 -28.57 -4.95 -0.08
CA SER C 40 -27.13 -5.13 -0.24
C SER C 40 -26.83 -6.46 -0.91
N TYR C 41 -27.54 -7.53 -0.53
CA TYR C 41 -27.32 -8.83 -1.18
C TYR C 41 -27.85 -8.84 -2.62
N ALA C 42 -28.86 -8.00 -2.93
CA ALA C 42 -29.30 -7.86 -4.32
C ALA C 42 -28.20 -7.21 -5.17
N ALA C 43 -27.57 -6.16 -4.63
CA ALA C 43 -26.41 -5.61 -5.30
C ALA C 43 -25.30 -6.65 -5.43
N MET C 44 -25.16 -7.52 -4.42
CA MET C 44 -24.16 -8.57 -4.49
C MET C 44 -24.46 -9.54 -5.63
N THR C 45 -25.74 -9.93 -5.76
CA THR C 45 -26.14 -10.82 -6.85
C THR C 45 -25.77 -10.24 -8.20
N ASP C 46 -26.16 -8.98 -8.45
CA ASP C 46 -25.80 -8.31 -9.70
C ASP C 46 -24.29 -8.34 -9.91
N LYS C 47 -23.54 -7.96 -8.86
CA LYS C 47 -22.09 -7.85 -8.97
C LYS C 47 -21.46 -9.21 -9.27
N LEU C 48 -21.98 -10.28 -8.68
CA LEU C 48 -21.41 -11.61 -8.91
C LEU C 48 -21.70 -12.10 -10.31
N VAL C 49 -22.87 -11.75 -10.87
CA VAL C 49 -23.11 -12.04 -12.27
C VAL C 49 -22.07 -11.33 -13.13
N GLU C 50 -21.84 -10.04 -12.88
CA GLU C 50 -20.78 -9.30 -13.58
C GLU C 50 -19.44 -10.01 -13.47
N PHE C 51 -19.04 -10.31 -12.24
CA PHE C 51 -17.74 -10.92 -11.96
C PHE C 51 -17.59 -12.25 -12.67
N THR C 52 -18.64 -13.07 -12.68
CA THR C 52 -18.61 -14.33 -13.41
C THR C 52 -18.35 -14.10 -14.89
N GLY C 53 -19.02 -13.13 -15.50
CA GLY C 53 -18.73 -12.79 -16.89
C GLY C 53 -17.31 -12.32 -17.09
N TRP C 54 -16.79 -11.48 -16.18
CA TRP C 54 -15.41 -11.04 -16.28
C TRP C 54 -14.45 -12.21 -16.25
N ALA C 55 -14.64 -13.13 -15.30
CA ALA C 55 -13.77 -14.30 -15.19
C ALA C 55 -13.83 -15.15 -16.45
N ARG C 56 -15.03 -15.34 -17.00
CA ARG C 56 -15.14 -16.10 -18.24
C ARG C 56 -14.41 -15.41 -19.38
N GLU C 57 -14.61 -14.10 -19.53
CA GLU C 57 -13.92 -13.36 -20.59
C GLU C 57 -12.41 -13.45 -20.44
N GLU C 58 -11.93 -13.49 -19.20
CA GLU C 58 -10.50 -13.54 -18.96
C GLU C 58 -9.92 -14.93 -19.16
N GLY C 59 -10.71 -15.90 -19.60
CA GLY C 59 -10.18 -17.20 -19.95
C GLY C 59 -10.01 -18.18 -18.81
N PHE C 60 -10.48 -17.86 -17.61
CA PHE C 60 -10.39 -18.81 -16.51
C PHE C 60 -11.27 -20.02 -16.78
N THR C 61 -10.76 -21.20 -16.46
CA THR C 61 -11.51 -22.43 -16.72
C THR C 61 -12.64 -22.63 -15.72
N THR C 62 -12.37 -22.36 -14.43
CA THR C 62 -13.40 -22.37 -13.40
C THR C 62 -13.27 -21.11 -12.57
N PHE C 63 -14.43 -20.53 -12.23
CA PHE C 63 -14.56 -19.43 -11.28
C PHE C 63 -15.22 -20.00 -10.01
N TYR C 64 -14.46 -20.11 -8.93
CA TYR C 64 -14.94 -20.60 -7.64
C TYR C 64 -15.38 -19.42 -6.80
N VAL C 65 -16.53 -19.56 -6.15
CA VAL C 65 -17.04 -18.56 -5.22
C VAL C 65 -17.24 -19.23 -3.87
N THR C 66 -16.59 -18.68 -2.83
CA THR C 66 -16.75 -19.24 -1.48
C THR C 66 -18.00 -18.64 -0.87
N VAL C 67 -19.12 -19.35 -1.04
CA VAL C 67 -20.44 -18.84 -0.66
C VAL C 67 -20.54 -18.62 0.85
N SER C 68 -20.04 -19.56 1.63
CA SER C 68 -20.34 -19.54 3.05
C SER C 68 -19.38 -20.42 3.83
N SER C 69 -19.22 -20.09 5.11
CA SER C 69 -18.56 -20.96 6.06
C SER C 69 -19.60 -21.83 6.76
N VAL C 70 -19.13 -22.82 7.52
CA VAL C 70 -20.07 -23.58 8.35
C VAL C 70 -20.74 -22.66 9.36
N ALA C 71 -19.95 -21.79 10.00
CA ALA C 71 -20.48 -20.93 11.03
C ALA C 71 -21.58 -20.02 10.51
N ASN C 72 -21.50 -19.59 9.24
CA ASN C 72 -22.52 -18.72 8.67
C ASN C 72 -23.92 -19.30 8.81
N TYR C 73 -24.04 -20.62 8.87
CA TYR C 73 -25.37 -21.23 8.94
C TYR C 73 -25.93 -21.25 10.35
N SER C 74 -25.18 -20.77 11.34
CA SER C 74 -25.71 -20.56 12.67
C SER C 74 -26.32 -19.18 12.85
N ARG C 75 -26.21 -18.31 11.84
CA ARG C 75 -26.91 -17.03 11.91
C ARG C 75 -28.42 -17.25 11.88
N SER C 76 -29.15 -16.14 12.04
CA SER C 76 -30.61 -16.21 12.10
C SER C 76 -31.15 -16.77 10.79
N GLU C 77 -32.34 -17.38 10.87
CA GLU C 77 -32.97 -17.94 9.68
C GLU C 77 -33.14 -16.89 8.59
N GLU C 78 -33.45 -15.65 8.97
CA GLU C 78 -33.65 -14.58 8.00
C GLU C 78 -32.35 -14.23 7.27
N GLN C 79 -31.24 -14.12 7.99
CA GLN C 79 -29.97 -13.84 7.32
C GLN C 79 -29.56 -14.99 6.41
N VAL C 80 -29.70 -16.23 6.89
CA VAL C 80 -29.33 -17.38 6.06
C VAL C 80 -30.16 -17.39 4.78
N THR C 81 -31.46 -17.13 4.89
CA THR C 81 -32.31 -17.08 3.71
C THR C 81 -31.93 -15.95 2.77
N THR C 82 -31.67 -14.75 3.29
CA THR C 82 -31.28 -13.64 2.41
C THR C 82 -30.02 -13.98 1.63
N ALA C 83 -28.99 -14.46 2.33
CA ALA C 83 -27.73 -14.77 1.68
C ALA C 83 -27.88 -15.90 0.66
N MET C 84 -28.45 -17.03 1.09
CA MET C 84 -28.53 -18.19 0.20
C MET C 84 -29.39 -17.89 -1.03
N ASN C 85 -30.49 -17.14 -0.85
CA ASN C 85 -31.27 -16.75 -2.02
C ASN C 85 -30.47 -15.85 -2.95
N ALA C 86 -29.67 -14.93 -2.38
CA ALA C 86 -28.88 -14.03 -3.23
C ALA C 86 -27.84 -14.79 -4.04
N PHE C 87 -27.15 -15.74 -3.43
CA PHE C 87 -26.19 -16.56 -4.18
C PHE C 87 -26.90 -17.45 -5.21
N THR C 88 -28.00 -18.08 -4.83
CA THR C 88 -28.73 -18.94 -5.74
C THR C 88 -29.23 -18.16 -6.97
N GLU C 89 -29.65 -16.91 -6.77
CA GLU C 89 -30.13 -16.09 -7.88
C GLU C 89 -29.06 -15.88 -8.95
N VAL C 90 -27.79 -15.78 -8.53
CA VAL C 90 -26.69 -15.77 -9.50
C VAL C 90 -26.79 -16.96 -10.43
N VAL C 91 -27.02 -18.14 -9.86
CA VAL C 91 -27.10 -19.36 -10.66
C VAL C 91 -28.37 -19.37 -11.49
N ARG C 92 -29.48 -18.88 -10.93
CA ARG C 92 -30.71 -18.78 -11.71
C ARG C 92 -30.47 -17.97 -12.98
N ARG C 93 -29.70 -16.89 -12.86
CA ARG C 93 -29.47 -16.04 -14.03
C ARG C 93 -28.43 -16.61 -14.99
N CYS C 94 -27.39 -17.32 -14.50
CA CYS C 94 -26.26 -17.70 -15.35
C CYS C 94 -26.24 -19.15 -15.78
N HIS C 95 -27.02 -20.01 -15.15
CA HIS C 95 -26.77 -21.45 -15.25
C HIS C 95 -26.91 -21.99 -16.67
N ASP C 96 -27.74 -21.37 -17.50
CA ASP C 96 -28.04 -21.98 -18.80
C ASP C 96 -26.89 -21.93 -19.79
N THR C 97 -25.93 -21.01 -19.62
CA THR C 97 -24.88 -20.84 -20.60
C THR C 97 -23.51 -21.27 -20.08
N LEU C 98 -23.45 -21.89 -18.91
CA LEU C 98 -22.20 -22.38 -18.36
C LEU C 98 -22.46 -23.68 -17.61
N ASN C 99 -21.37 -24.32 -17.18
CA ASN C 99 -21.43 -25.49 -16.33
C ASN C 99 -21.41 -25.04 -14.89
N PHE C 100 -22.42 -25.46 -14.13
CA PHE C 100 -22.51 -25.09 -12.72
C PHE C 100 -22.29 -26.33 -11.86
N ASN C 101 -21.50 -26.16 -10.81
CA ASN C 101 -21.29 -27.24 -9.86
C ASN C 101 -21.16 -26.61 -8.48
N TYR C 102 -21.24 -27.46 -7.45
CA TYR C 102 -21.14 -26.98 -6.08
C TYR C 102 -20.66 -28.12 -5.19
N SER C 103 -20.15 -27.75 -4.02
CA SER C 103 -19.61 -28.72 -3.06
C SER C 103 -19.47 -28.02 -1.71
N GLY C 104 -19.07 -28.79 -0.70
CA GLY C 104 -18.81 -28.26 0.62
C GLY C 104 -19.43 -29.13 1.70
N THR C 105 -19.60 -28.54 2.89
CA THR C 105 -20.23 -29.20 4.03
C THR C 105 -21.75 -29.11 3.83
N LEU C 106 -22.26 -30.00 2.96
CA LEU C 106 -23.63 -29.84 2.48
C LEU C 106 -24.68 -30.06 3.56
N GLU C 107 -24.38 -30.87 4.58
CA GLU C 107 -25.43 -31.19 5.55
C GLU C 107 -25.80 -29.99 6.43
N VAL C 108 -24.97 -28.94 6.49
CA VAL C 108 -25.39 -27.75 7.23
C VAL C 108 -26.12 -26.73 6.37
N VAL C 109 -26.21 -26.95 5.08
CA VAL C 109 -26.96 -26.05 4.19
C VAL C 109 -28.44 -26.47 4.20
N PRO C 110 -29.37 -25.55 4.42
CA PRO C 110 -30.79 -25.92 4.39
C PRO C 110 -31.16 -26.62 3.08
N GLU C 111 -31.95 -27.70 3.21
CA GLU C 111 -32.14 -28.62 2.09
C GLU C 111 -32.78 -27.94 0.88
N ARG C 112 -33.67 -26.95 1.10
CA ARG C 112 -34.32 -26.22 0.01
C ARG C 112 -33.31 -25.63 -0.98
N TRP C 113 -32.21 -25.06 -0.45
CA TRP C 113 -31.22 -24.46 -1.33
C TRP C 113 -30.46 -25.53 -2.09
N LEU C 114 -30.16 -26.65 -1.44
CA LEU C 114 -29.51 -27.77 -2.12
C LEU C 114 -30.38 -28.32 -3.24
N THR C 115 -31.69 -28.43 -3.00
CA THR C 115 -32.61 -28.89 -4.03
C THR C 115 -32.62 -27.96 -5.23
N GLU C 116 -32.72 -26.66 -4.97
CA GLU C 116 -32.76 -25.72 -6.08
C GLU C 116 -31.43 -25.68 -6.84
N LEU C 117 -30.31 -25.69 -6.12
CA LEU C 117 -28.99 -25.66 -6.75
C LEU C 117 -28.73 -26.96 -7.52
N GLU C 118 -29.23 -28.08 -7.03
CA GLU C 118 -29.11 -29.34 -7.76
C GLU C 118 -29.92 -29.30 -9.05
N ALA C 119 -31.16 -28.78 -8.98
CA ALA C 119 -31.94 -28.63 -10.20
C ALA C 119 -31.23 -27.71 -11.21
N LEU C 120 -30.67 -26.62 -10.71
CA LEU C 120 -29.94 -25.69 -11.57
C LEU C 120 -28.71 -26.35 -12.17
N ARG C 121 -28.02 -27.20 -11.39
CA ARG C 121 -26.87 -27.93 -11.90
C ARG C 121 -27.30 -28.89 -13.02
N ALA C 122 -28.40 -29.62 -12.82
CA ALA C 122 -28.90 -30.51 -13.86
C ALA C 122 -29.27 -29.74 -15.13
N LYS C 123 -29.79 -28.52 -14.98
CA LYS C 123 -30.16 -27.72 -16.14
C LYS C 123 -28.98 -26.96 -16.75
N SER C 124 -27.81 -26.95 -16.12
CA SER C 124 -26.71 -26.17 -16.65
C SER C 124 -26.08 -26.88 -17.85
N ASP C 125 -25.20 -26.14 -18.55
CA ASP C 125 -24.51 -26.64 -19.75
C ASP C 125 -23.26 -27.39 -19.34
N SER C 126 -23.39 -28.71 -19.15
CA SER C 126 -22.24 -29.54 -18.76
C SER C 126 -21.17 -29.58 -19.84
N GLN C 127 -21.49 -29.15 -21.07
CA GLN C 127 -20.56 -29.13 -22.19
C GLN C 127 -19.72 -27.86 -22.21
N SER C 128 -20.08 -26.86 -21.41
CA SER C 128 -19.44 -25.55 -21.48
C SER C 128 -17.95 -25.63 -21.15
N ASP C 129 -17.17 -24.77 -21.78
CA ASP C 129 -15.77 -24.65 -21.42
C ASP C 129 -15.54 -23.73 -20.22
N PHE C 130 -16.61 -23.30 -19.55
CA PHE C 130 -16.49 -22.46 -18.37
C PHE C 130 -17.37 -23.01 -17.26
N THR C 131 -16.83 -23.08 -16.05
CA THR C 131 -17.55 -23.60 -14.89
C THR C 131 -17.63 -22.53 -13.81
N LEU C 132 -18.83 -22.34 -13.28
CA LEU C 132 -19.06 -21.60 -12.04
C LEU C 132 -19.25 -22.62 -10.92
N HIS C 133 -18.45 -22.53 -9.88
CA HIS C 133 -18.47 -23.54 -8.82
C HIS C 133 -18.62 -22.86 -7.47
N PHE C 134 -19.73 -23.16 -6.79
CA PHE C 134 -20.01 -22.67 -5.44
C PHE C 134 -19.43 -23.62 -4.41
N ILE C 135 -18.74 -23.10 -3.40
CA ILE C 135 -18.40 -23.90 -2.23
C ILE C 135 -19.17 -23.35 -1.05
N MET C 136 -19.92 -24.22 -0.37
CA MET C 136 -20.77 -23.83 0.75
C MET C 136 -20.35 -24.58 2.00
N GLY C 137 -20.52 -23.93 3.15
CA GLY C 137 -20.06 -24.54 4.39
C GLY C 137 -18.57 -24.81 4.42
N MET C 138 -17.76 -23.88 3.93
CA MET C 138 -16.31 -24.05 3.98
C MET C 138 -15.81 -23.97 5.42
N SER C 139 -14.88 -24.88 5.74
CA SER C 139 -14.24 -24.98 7.05
C SER C 139 -13.28 -26.16 6.99
N LEU C 140 -11.96 -25.92 7.11
CA LEU C 140 -11.02 -27.01 6.99
C LEU C 140 -11.28 -28.10 8.02
N ALA C 141 -11.61 -27.72 9.26
CA ALA C 141 -11.88 -28.74 10.28
C ALA C 141 -13.04 -29.63 9.86
N HIS C 142 -14.13 -29.03 9.37
CA HIS C 142 -15.29 -29.84 8.96
C HIS C 142 -14.98 -30.66 7.71
N GLU C 143 -14.22 -30.08 6.78
CA GLU C 143 -13.85 -30.81 5.57
C GLU C 143 -13.02 -32.05 5.92
N VAL C 144 -12.01 -31.86 6.76
CA VAL C 144 -11.14 -32.96 7.15
C VAL C 144 -11.92 -34.02 7.93
N ILE C 145 -12.74 -33.58 8.87
CA ILE C 145 -13.55 -34.53 9.67
C ILE C 145 -14.48 -35.33 8.76
N GLY C 146 -15.12 -34.65 7.80
CA GLY C 146 -16.02 -35.36 6.90
C GLY C 146 -15.30 -36.40 6.05
N ILE C 147 -14.11 -36.05 5.54
CA ILE C 147 -13.36 -37.02 4.75
C ILE C 147 -12.93 -38.20 5.59
N PHE C 148 -12.41 -37.92 6.79
CA PHE C 148 -12.02 -39.00 7.68
C PHE C 148 -13.20 -39.94 7.94
N ASN C 149 -14.34 -39.38 8.36
CA ASN C 149 -15.48 -40.20 8.72
C ASN C 149 -16.02 -40.97 7.53
N LYS C 150 -15.92 -40.40 6.32
CA LYS C 150 -16.34 -41.13 5.14
C LYS C 150 -15.48 -42.38 4.93
N PHE C 151 -14.16 -42.27 5.09
CA PHE C 151 -13.30 -43.42 4.80
C PHE C 151 -12.85 -44.20 6.03
N ASN C 152 -13.15 -43.72 7.23
CA ASN C 152 -12.70 -44.37 8.46
C ASN C 152 -13.00 -45.87 8.44
N GLY C 153 -11.96 -46.69 8.52
CA GLY C 153 -12.06 -48.14 8.59
C GLY C 153 -12.45 -48.83 7.29
N LYS C 154 -12.56 -48.10 6.19
CA LYS C 154 -13.02 -48.68 4.94
C LYS C 154 -11.92 -48.78 3.90
N ILE C 155 -10.79 -48.13 4.11
CA ILE C 155 -9.65 -48.23 3.20
C ILE C 155 -8.41 -48.46 4.04
N PRO C 156 -7.37 -49.07 3.44
CA PRO C 156 -6.14 -49.29 4.22
C PRO C 156 -5.38 -48.01 4.55
N ALA C 157 -5.41 -47.01 3.69
CA ALA C 157 -4.69 -45.77 3.93
C ALA C 157 -5.27 -44.68 3.05
N LEU C 158 -5.21 -43.45 3.54
CA LEU C 158 -5.61 -42.33 2.71
C LEU C 158 -4.44 -41.93 1.83
N THR C 159 -4.70 -41.73 0.55
CA THR C 159 -3.67 -41.34 -0.39
C THR C 159 -3.94 -39.91 -0.87
N GLU C 160 -2.91 -39.29 -1.44
CA GLU C 160 -3.08 -37.97 -2.04
C GLU C 160 -4.13 -37.99 -3.13
N GLU C 161 -4.18 -39.07 -3.92
CA GLU C 161 -5.16 -39.17 -4.99
C GLU C 161 -6.58 -39.16 -4.44
N LEU C 162 -6.85 -39.96 -3.40
CA LEU C 162 -8.19 -40.00 -2.82
C LEU C 162 -8.56 -38.68 -2.16
N LEU C 163 -7.63 -38.10 -1.41
CA LEU C 163 -7.87 -36.82 -0.79
C LEU C 163 -8.23 -35.77 -1.83
N ALA C 164 -7.44 -35.69 -2.90
CA ALA C 164 -7.74 -34.74 -3.96
C ALA C 164 -9.11 -34.99 -4.56
N ALA C 165 -9.50 -36.26 -4.70
CA ALA C 165 -10.80 -36.56 -5.27
C ALA C 165 -11.95 -36.27 -4.30
N ASN C 166 -11.67 -36.04 -3.02
CA ASN C 166 -12.74 -35.78 -2.07
C ASN C 166 -12.69 -34.40 -1.41
N ALA C 167 -11.69 -33.57 -1.70
CA ALA C 167 -11.65 -32.21 -1.19
C ALA C 167 -12.79 -31.39 -1.80
N TYR C 168 -13.26 -30.39 -1.04
CA TYR C 168 -14.34 -29.53 -1.51
C TYR C 168 -13.99 -28.86 -2.83
N VAL C 169 -12.79 -28.32 -2.93
CA VAL C 169 -12.30 -27.71 -4.17
C VAL C 169 -11.54 -28.78 -4.94
N PRO C 170 -12.00 -29.18 -6.13
CA PRO C 170 -11.49 -30.40 -6.78
C PRO C 170 -10.17 -30.26 -7.50
N GLU C 171 -9.47 -29.14 -7.38
CA GLU C 171 -8.17 -28.93 -7.99
C GLU C 171 -7.45 -27.83 -7.23
N PRO C 172 -6.15 -27.68 -7.42
CA PRO C 172 -5.47 -26.52 -6.84
C PRO C 172 -5.97 -25.23 -7.48
N VAL C 173 -6.14 -24.20 -6.65
CA VAL C 173 -6.59 -22.89 -7.10
C VAL C 173 -5.37 -22.05 -7.46
N ASP C 174 -5.39 -21.44 -8.64
CA ASP C 174 -4.27 -20.59 -9.05
C ASP C 174 -4.28 -19.24 -8.34
N PHE C 175 -5.37 -18.49 -8.47
CA PHE C 175 -5.50 -17.13 -7.99
C PHE C 175 -6.74 -17.04 -7.12
N LEU C 176 -6.64 -16.30 -6.00
CA LEU C 176 -7.81 -16.01 -5.20
C LEU C 176 -7.81 -14.53 -4.83
N ILE C 177 -8.98 -13.93 -4.87
CA ILE C 177 -9.16 -12.51 -4.64
C ILE C 177 -10.10 -12.35 -3.44
N ARG C 178 -9.69 -11.52 -2.49
CA ARG C 178 -10.54 -11.18 -1.35
C ARG C 178 -10.67 -9.67 -1.24
N PRO C 179 -11.76 -9.10 -1.74
CA PRO C 179 -12.03 -7.67 -1.54
C PRO C 179 -12.55 -7.46 -0.12
N GLY C 180 -12.76 -6.20 0.25
CA GLY C 180 -13.37 -5.89 1.51
C GLY C 180 -12.42 -5.53 2.64
N GLY C 181 -11.11 -5.49 2.39
CA GLY C 181 -10.16 -4.93 3.34
C GLY C 181 -9.62 -5.86 4.41
N HIS C 182 -10.20 -7.05 4.61
CA HIS C 182 -9.65 -7.97 5.60
C HIS C 182 -8.50 -8.78 4.99
N VAL C 183 -7.35 -8.76 5.64
CA VAL C 183 -6.20 -9.49 5.12
C VAL C 183 -6.10 -10.76 5.96
N ARG C 184 -6.88 -11.76 5.57
CA ARG C 184 -7.02 -13.01 6.29
C ARG C 184 -7.83 -13.94 5.39
N MET C 185 -7.76 -15.23 5.69
CA MET C 185 -8.45 -16.23 4.90
C MET C 185 -9.72 -16.77 5.54
N SER C 186 -9.96 -16.46 6.82
CA SER C 186 -11.16 -16.95 7.50
C SER C 186 -11.23 -18.47 7.37
N SER C 187 -12.41 -19.03 7.10
CA SER C 187 -12.60 -20.46 6.87
C SER C 187 -12.41 -20.87 5.42
N PHE C 188 -11.87 -20.00 4.57
CA PHE C 188 -11.93 -20.21 3.13
C PHE C 188 -10.63 -20.70 2.48
N TYR C 189 -9.61 -21.04 3.23
CA TYR C 189 -8.37 -21.45 2.56
C TYR C 189 -8.61 -22.80 1.88
N PRO C 190 -8.26 -22.94 0.60
CA PRO C 190 -8.53 -24.20 -0.14
C PRO C 190 -7.52 -25.29 0.21
N LEU C 191 -8.03 -26.43 0.69
CA LEU C 191 -7.22 -27.49 1.26
C LEU C 191 -6.06 -27.89 0.34
N MET C 192 -6.34 -28.11 -0.94
CA MET C 192 -5.36 -28.67 -1.85
C MET C 192 -4.67 -27.62 -2.71
N SER C 193 -4.53 -26.39 -2.21
CA SER C 193 -3.92 -25.28 -2.93
C SER C 193 -2.75 -24.72 -2.13
N PRO C 194 -1.68 -25.50 -1.93
CA PRO C 194 -0.56 -24.95 -1.15
C PRO C 194 0.07 -23.70 -1.76
N PHE C 195 0.02 -23.53 -3.08
CA PHE C 195 0.70 -22.43 -3.75
C PHE C 195 -0.24 -21.45 -4.43
N ALA C 196 -1.49 -21.38 -3.96
CA ALA C 196 -2.42 -20.39 -4.50
C ALA C 196 -1.89 -18.98 -4.28
N GLU C 197 -2.04 -18.12 -5.30
CA GLU C 197 -1.66 -16.72 -5.15
C GLU C 197 -2.84 -15.95 -4.58
N MET C 198 -2.57 -15.14 -3.57
CA MET C 198 -3.61 -14.43 -2.86
C MET C 198 -3.50 -12.95 -3.18
N TYR C 199 -4.65 -12.31 -3.38
CA TYR C 199 -4.72 -10.88 -3.66
C TYR C 199 -5.80 -10.30 -2.76
N PHE C 200 -5.44 -9.27 -2.00
CA PHE C 200 -6.36 -8.59 -1.10
C PHE C 200 -6.50 -7.15 -1.54
N CYS C 201 -7.73 -6.62 -1.46
CA CYS C 201 -7.91 -5.20 -1.74
C CYS C 201 -8.98 -4.62 -0.82
N PRO C 202 -8.87 -3.33 -0.48
CA PRO C 202 -9.84 -2.74 0.45
C PRO C 202 -11.24 -2.57 -0.13
N THR C 203 -11.39 -2.43 -1.44
CA THR C 203 -12.70 -2.21 -2.04
C THR C 203 -13.71 -3.26 -1.61
N LEU C 204 -14.88 -2.81 -1.15
CA LEU C 204 -15.95 -3.75 -0.88
C LEU C 204 -16.37 -4.41 -2.19
N LEU C 205 -16.83 -5.66 -2.11
CA LEU C 205 -17.23 -6.39 -3.32
C LEU C 205 -18.24 -5.61 -4.15
N ASN C 206 -19.28 -5.07 -3.51
CA ASN C 206 -20.32 -4.38 -4.25
C ASN C 206 -19.84 -3.08 -4.89
N ASP C 207 -18.65 -2.59 -4.54
CA ASP C 207 -18.07 -1.42 -5.18
C ASP C 207 -17.04 -1.77 -6.25
N MET C 208 -16.69 -3.04 -6.40
CA MET C 208 -15.63 -3.44 -7.33
C MET C 208 -16.04 -3.21 -8.77
N THR C 209 -15.15 -2.56 -9.53
CA THR C 209 -15.35 -2.34 -10.95
C THR C 209 -14.53 -3.31 -11.77
N ARG C 210 -14.83 -3.35 -13.08
CA ARG C 210 -14.00 -4.13 -13.99
C ARG C 210 -12.55 -3.68 -13.94
N ALA C 211 -12.29 -2.39 -13.74
CA ALA C 211 -10.91 -1.93 -13.62
C ALA C 211 -10.25 -2.48 -12.35
N ASP C 212 -10.98 -2.51 -11.23
CA ASP C 212 -10.45 -3.12 -10.02
C ASP C 212 -10.05 -4.57 -10.27
N PHE C 213 -10.92 -5.32 -10.95
CA PHE C 213 -10.62 -6.71 -11.30
C PHE C 213 -9.38 -6.79 -12.20
N ASP C 214 -9.31 -5.94 -13.21
CA ASP C 214 -8.19 -6.00 -14.16
C ASP C 214 -6.87 -5.73 -13.46
N VAL C 215 -6.84 -4.74 -12.56
CA VAL C 215 -5.59 -4.45 -11.85
C VAL C 215 -5.22 -5.59 -10.89
N ALA C 216 -6.23 -6.22 -10.29
CA ALA C 216 -5.97 -7.44 -9.52
C ALA C 216 -5.28 -8.50 -10.38
N LEU C 217 -5.77 -8.67 -11.62
CA LEU C 217 -5.19 -9.67 -12.51
C LEU C 217 -3.80 -9.27 -12.97
N GLU C 218 -3.55 -7.97 -13.19
CA GLU C 218 -2.20 -7.53 -13.47
C GLU C 218 -1.26 -7.96 -12.36
N ASP C 219 -1.68 -7.72 -11.11
CA ASP C 219 -0.89 -8.12 -9.95
C ASP C 219 -0.66 -9.64 -9.94
N LEU C 220 -1.74 -10.42 -10.03
CA LEU C 220 -1.63 -11.88 -9.89
C LEU C 220 -0.81 -12.50 -11.01
N ARG C 221 -1.05 -12.07 -12.25
CA ARG C 221 -0.40 -12.68 -13.40
C ARG C 221 1.08 -12.34 -13.49
N GLU C 222 1.53 -11.26 -12.86
CA GLU C 222 2.95 -10.93 -12.94
C GLU C 222 3.77 -11.65 -11.88
N ARG C 223 3.14 -12.41 -10.99
CA ARG C 223 3.90 -13.00 -9.89
C ARG C 223 4.66 -14.22 -10.38
N ASP C 224 5.90 -14.34 -9.90
CA ASP C 224 6.74 -15.49 -10.22
C ASP C 224 6.38 -16.61 -9.26
N ARG C 225 5.86 -17.72 -9.78
CA ARG C 225 5.46 -18.86 -8.97
C ARG C 225 6.61 -19.88 -8.93
N ARG C 226 6.98 -20.29 -7.72
CA ARG C 226 8.12 -21.17 -7.53
C ARG C 226 7.78 -22.54 -6.98
N TYR C 227 6.64 -22.72 -6.31
CA TYR C 227 6.18 -24.02 -5.80
C TYR C 227 7.20 -24.64 -4.85
N GLY C 228 7.81 -23.81 -4.00
CA GLY C 228 8.74 -24.32 -3.02
C GLY C 228 10.13 -24.65 -3.55
N LEU C 229 10.37 -24.43 -4.84
CA LEU C 229 11.64 -24.77 -5.46
C LEU C 229 12.42 -23.50 -5.79
N TYR C 230 13.70 -23.69 -6.12
CA TYR C 230 14.58 -22.59 -6.51
C TYR C 230 14.85 -22.70 -8.00
N PRO C 231 14.04 -22.04 -8.86
CA PRO C 231 14.22 -22.13 -10.32
C PRO C 231 15.57 -21.60 -10.78
N MET D 15 -4.12 -13.87 28.99
CA MET D 15 -4.47 -14.07 27.59
C MET D 15 -3.26 -14.43 26.74
N MET D 16 -3.11 -15.73 26.49
CA MET D 16 -2.00 -16.23 25.69
C MET D 16 -2.11 -15.74 24.24
N THR D 17 -0.98 -15.31 23.69
CA THR D 17 -0.89 -14.86 22.31
C THR D 17 0.27 -15.55 21.62
N ASN D 18 0.10 -15.86 20.33
CA ASN D 18 1.16 -16.48 19.57
C ASN D 18 1.36 -15.73 18.26
N LEU D 19 2.50 -15.98 17.63
CA LEU D 19 2.91 -15.33 16.39
C LEU D 19 3.58 -16.38 15.51
N MET D 20 3.29 -16.34 14.21
CA MET D 20 3.88 -17.27 13.26
C MET D 20 4.58 -16.47 12.16
N LEU D 21 5.81 -16.88 11.84
CA LEU D 21 6.61 -16.26 10.79
C LEU D 21 6.90 -17.27 9.69
N LEU D 22 6.68 -16.85 8.44
CA LEU D 22 7.06 -17.62 7.26
C LEU D 22 8.32 -17.00 6.71
N PRO D 23 9.50 -17.57 6.98
CA PRO D 23 10.74 -16.95 6.52
C PRO D 23 10.83 -16.99 5.00
N ASP D 24 11.40 -15.94 4.43
CA ASP D 24 11.47 -15.85 2.97
C ASP D 24 12.47 -14.77 2.61
N GLY D 25 13.07 -14.90 1.43
CA GLY D 25 13.90 -13.87 0.86
C GLY D 25 15.40 -14.14 0.90
N MET D 26 15.82 -15.36 1.26
CA MET D 26 17.24 -15.64 1.45
C MET D 26 18.01 -15.62 0.14
N ARG D 27 17.42 -16.19 -0.92
CA ARG D 27 18.08 -16.21 -2.22
C ARG D 27 18.18 -14.79 -2.79
N ARG D 28 17.07 -14.05 -2.80
CA ARG D 28 17.14 -12.68 -3.27
C ARG D 28 18.09 -11.84 -2.44
N TRP D 29 18.18 -12.09 -1.12
CA TRP D 29 19.11 -11.31 -0.30
C TRP D 29 20.56 -11.64 -0.65
N SER D 30 20.84 -12.90 -0.96
CA SER D 30 22.20 -13.25 -1.39
C SER D 30 22.53 -12.58 -2.72
N GLN D 31 21.57 -12.53 -3.64
CA GLN D 31 21.78 -11.80 -4.88
C GLN D 31 21.96 -10.30 -4.62
N LYS D 32 21.20 -9.74 -3.69
CA LYS D 32 21.25 -8.32 -3.37
C LYS D 32 22.58 -7.91 -2.74
N GLN D 33 23.10 -8.73 -1.83
CA GLN D 33 24.34 -8.42 -1.14
C GLN D 33 25.59 -8.91 -1.87
N GLY D 34 25.43 -9.67 -2.95
CA GLY D 34 26.58 -10.26 -3.64
C GLY D 34 27.32 -11.31 -2.83
N ILE D 35 26.59 -12.18 -2.11
CA ILE D 35 27.17 -13.20 -1.25
C ILE D 35 26.55 -14.55 -1.60
N SER D 36 27.14 -15.60 -1.03
CA SER D 36 26.64 -16.94 -1.26
C SER D 36 25.29 -17.15 -0.57
N LEU D 37 24.57 -18.19 -1.02
CA LEU D 37 23.34 -18.58 -0.33
C LEU D 37 23.64 -18.97 1.11
N ASP D 38 24.81 -19.55 1.36
CA ASP D 38 25.21 -19.92 2.70
C ASP D 38 25.34 -18.70 3.61
N ASP D 39 26.01 -17.65 3.13
CA ASP D 39 26.15 -16.42 3.93
C ASP D 39 24.80 -15.75 4.14
N SER D 40 23.93 -15.80 3.13
CA SER D 40 22.59 -15.25 3.31
C SER D 40 21.83 -16.02 4.37
N TYR D 41 21.96 -17.34 4.38
CA TYR D 41 21.31 -18.14 5.41
C TYR D 41 21.95 -17.94 6.78
N ALA D 42 23.23 -17.60 6.83
CA ALA D 42 23.82 -17.22 8.12
C ALA D 42 23.21 -15.91 8.63
N ALA D 43 23.01 -14.94 7.74
CA ALA D 43 22.29 -13.74 8.13
C ALA D 43 20.85 -14.06 8.56
N MET D 44 20.22 -15.03 7.91
CA MET D 44 18.89 -15.45 8.34
C MET D 44 18.93 -16.02 9.75
N THR D 45 19.94 -16.84 10.06
CA THR D 45 20.06 -17.38 11.42
C THR D 45 20.16 -16.25 12.44
N ASP D 46 21.07 -15.29 12.21
CA ASP D 46 21.16 -14.13 13.10
C ASP D 46 19.81 -13.43 13.24
N LYS D 47 19.15 -13.19 12.11
CA LYS D 47 17.90 -12.44 12.11
C LYS D 47 16.81 -13.20 12.86
N LEU D 48 16.75 -14.52 12.72
CA LEU D 48 15.72 -15.29 13.39
C LEU D 48 15.96 -15.34 14.89
N VAL D 49 17.23 -15.34 15.32
CA VAL D 49 17.50 -15.19 16.75
C VAL D 49 16.96 -13.85 17.25
N GLU D 50 17.26 -12.77 16.52
CA GLU D 50 16.70 -11.46 16.85
C GLU D 50 15.18 -11.51 16.94
N PHE D 51 14.54 -12.04 15.90
CA PHE D 51 13.08 -12.09 15.80
C PHE D 51 12.49 -12.86 16.96
N THR D 52 13.14 -13.96 17.35
CA THR D 52 12.72 -14.72 18.52
C THR D 52 12.75 -13.85 19.76
N GLY D 53 13.83 -13.09 19.95
CA GLY D 53 13.87 -12.17 21.08
C GLY D 53 12.78 -11.10 21.03
N TRP D 54 12.54 -10.54 19.85
CA TRP D 54 11.48 -9.54 19.69
C TRP D 54 10.12 -10.12 20.09
N ALA D 55 9.80 -11.30 19.57
CA ALA D 55 8.52 -11.91 19.88
C ALA D 55 8.40 -12.18 21.37
N ARG D 56 9.49 -12.63 22.00
CA ARG D 56 9.46 -12.88 23.43
C ARG D 56 9.20 -11.59 24.20
N GLU D 57 9.93 -10.52 23.86
CA GLU D 57 9.72 -9.24 24.54
C GLU D 57 8.29 -8.74 24.36
N GLU D 58 7.67 -9.03 23.22
CA GLU D 58 6.31 -8.59 22.96
C GLU D 58 5.27 -9.44 23.65
N GLY D 59 5.68 -10.42 24.46
CA GLY D 59 4.75 -11.16 25.28
C GLY D 59 4.06 -12.33 24.63
N PHE D 60 4.43 -12.71 23.41
CA PHE D 60 3.85 -13.90 22.80
C PHE D 60 4.29 -15.15 23.57
N THR D 61 3.35 -16.07 23.77
CA THR D 61 3.68 -17.29 24.49
C THR D 61 4.43 -18.28 23.59
N THR D 62 4.04 -18.36 22.32
CA THR D 62 4.74 -19.20 21.36
C THR D 62 5.06 -18.43 20.10
N PHE D 63 6.27 -18.62 19.59
CA PHE D 63 6.72 -18.11 18.30
C PHE D 63 6.88 -19.30 17.36
N TYR D 64 6.00 -19.38 16.36
CA TYR D 64 6.06 -20.47 15.38
C TYR D 64 6.85 -20.04 14.15
N VAL D 65 7.74 -20.92 13.69
CA VAL D 65 8.51 -20.65 12.49
C VAL D 65 8.23 -21.79 11.52
N THR D 66 7.77 -21.44 10.31
CA THR D 66 7.48 -22.44 9.29
C THR D 66 8.81 -22.72 8.58
N VAL D 67 9.52 -23.74 9.08
CA VAL D 67 10.87 -24.04 8.61
C VAL D 67 10.85 -24.54 7.16
N SER D 68 9.92 -25.41 6.81
CA SER D 68 9.98 -26.06 5.52
C SER D 68 8.62 -26.62 5.16
N SER D 69 8.36 -26.68 3.86
CA SER D 69 7.27 -27.44 3.27
C SER D 69 7.80 -28.79 2.78
N VAL D 70 6.88 -29.69 2.43
CA VAL D 70 7.32 -30.91 1.76
C VAL D 70 8.03 -30.56 0.46
N ALA D 71 7.49 -29.59 -0.29
CA ALA D 71 8.09 -29.25 -1.58
C ALA D 71 9.54 -28.79 -1.43
N ASN D 72 9.86 -28.10 -0.32
CA ASN D 72 11.21 -27.62 -0.09
C ASN D 72 12.24 -28.75 -0.11
N TYR D 73 11.82 -29.96 0.25
CA TYR D 73 12.81 -31.04 0.29
C TYR D 73 13.10 -31.63 -1.08
N SER D 74 12.46 -31.11 -2.13
CA SER D 74 12.84 -31.39 -3.51
C SER D 74 13.81 -30.36 -4.09
N ARG D 75 14.21 -29.36 -3.32
CA ARG D 75 15.33 -28.53 -3.71
C ARG D 75 16.60 -29.39 -3.72
N SER D 76 17.70 -28.79 -4.16
CA SER D 76 18.94 -29.55 -4.24
C SER D 76 19.39 -29.97 -2.84
N GLU D 77 20.17 -31.05 -2.80
CA GLU D 77 20.68 -31.55 -1.53
C GLU D 77 21.49 -30.49 -0.81
N GLU D 78 22.25 -29.70 -1.57
CA GLU D 78 23.04 -28.62 -0.98
C GLU D 78 22.13 -27.53 -0.42
N GLN D 79 21.08 -27.16 -1.16
CA GLN D 79 20.14 -26.15 -0.65
C GLN D 79 19.44 -26.63 0.61
N VAL D 80 19.00 -27.90 0.64
CA VAL D 80 18.34 -28.45 1.83
C VAL D 80 19.29 -28.43 3.01
N THR D 81 20.55 -28.82 2.80
CA THR D 81 21.52 -28.80 3.88
C THR D 81 21.76 -27.38 4.41
N THR D 82 21.93 -26.42 3.50
CA THR D 82 22.14 -25.04 3.92
C THR D 82 20.96 -24.54 4.76
N ALA D 83 19.74 -24.74 4.27
CA ALA D 83 18.58 -24.25 5.00
C ALA D 83 18.45 -24.94 6.35
N MET D 84 18.47 -26.28 6.37
CA MET D 84 18.23 -27.00 7.61
C MET D 84 19.33 -26.69 8.64
N ASN D 85 20.58 -26.55 8.19
CA ASN D 85 21.61 -26.17 9.14
C ASN D 85 21.38 -24.76 9.69
N ALA D 86 20.95 -23.81 8.85
CA ALA D 86 20.74 -22.45 9.35
C ALA D 86 19.63 -22.38 10.38
N PHE D 87 18.52 -23.07 10.12
CA PHE D 87 17.43 -23.12 11.10
C PHE D 87 17.86 -23.84 12.38
N THR D 88 18.51 -25.00 12.20
CA THR D 88 18.95 -25.74 13.37
C THR D 88 19.90 -24.89 14.21
N GLU D 89 20.74 -24.09 13.55
CA GLU D 89 21.67 -23.22 14.27
C GLU D 89 20.92 -22.22 15.14
N VAL D 90 19.77 -21.73 14.65
CA VAL D 90 18.91 -20.94 15.53
C VAL D 90 18.64 -21.70 16.82
N VAL D 91 18.30 -22.99 16.69
CA VAL D 91 17.98 -23.75 17.90
C VAL D 91 19.23 -23.98 18.76
N ARG D 92 20.38 -24.22 18.12
CA ARG D 92 21.63 -24.37 18.86
C ARG D 92 21.91 -23.16 19.73
N ARG D 93 21.62 -21.97 19.21
CA ARG D 93 21.92 -20.76 19.95
C ARG D 93 20.90 -20.47 21.04
N CYS D 94 19.62 -20.82 20.84
CA CYS D 94 18.58 -20.36 21.77
C CYS D 94 18.08 -21.41 22.75
N HIS D 95 18.34 -22.70 22.50
CA HIS D 95 17.59 -23.76 23.19
C HIS D 95 17.74 -23.70 24.70
N ASP D 96 18.88 -23.18 25.20
CA ASP D 96 19.14 -23.22 26.64
C ASP D 96 18.27 -22.22 27.42
N THR D 97 17.74 -21.20 26.76
CA THR D 97 17.03 -20.14 27.45
C THR D 97 15.54 -20.10 27.12
N LEU D 98 15.04 -21.07 26.34
CA LEU D 98 13.61 -21.14 26.06
C LEU D 98 13.21 -22.59 25.93
N ASN D 99 11.91 -22.81 25.79
CA ASN D 99 11.36 -24.13 25.52
C ASN D 99 11.29 -24.33 24.01
N PHE D 100 11.91 -25.39 23.51
CA PHE D 100 11.89 -25.67 22.07
C PHE D 100 11.06 -26.90 21.76
N ASN D 101 10.26 -26.81 20.70
CA ASN D 101 9.46 -27.94 20.24
C ASN D 101 9.37 -27.89 18.73
N TYR D 102 8.91 -28.99 18.14
CA TYR D 102 8.79 -29.06 16.69
C TYR D 102 7.77 -30.12 16.32
N SER D 103 7.32 -30.05 15.06
CA SER D 103 6.31 -30.96 14.53
C SER D 103 6.33 -30.89 13.01
N GLY D 104 5.50 -31.74 12.36
CA GLY D 104 5.32 -31.69 10.92
C GLY D 104 5.43 -33.06 10.28
N THR D 105 5.66 -33.07 8.97
CA THR D 105 5.82 -34.32 8.23
C THR D 105 7.27 -34.78 8.41
N LEU D 106 7.54 -35.41 9.57
CA LEU D 106 8.93 -35.66 9.95
C LEU D 106 9.62 -36.64 9.02
N GLU D 107 8.85 -37.50 8.34
CA GLU D 107 9.45 -38.52 7.50
C GLU D 107 10.13 -37.93 6.26
N VAL D 108 9.81 -36.70 5.86
CA VAL D 108 10.57 -36.07 4.78
C VAL D 108 11.76 -35.25 5.28
N VAL D 109 11.93 -35.10 6.59
CA VAL D 109 13.10 -34.39 7.09
C VAL D 109 14.27 -35.36 7.17
N PRO D 110 15.43 -35.03 6.60
CA PRO D 110 16.59 -35.94 6.69
C PRO D 110 16.94 -36.23 8.14
N GLU D 111 17.24 -37.49 8.41
CA GLU D 111 17.35 -37.96 9.79
C GLU D 111 18.44 -37.22 10.57
N ARG D 112 19.51 -36.78 9.92
CA ARG D 112 20.55 -36.05 10.64
C ARG D 112 19.95 -34.86 11.41
N TRP D 113 19.07 -34.10 10.76
CA TRP D 113 18.47 -32.94 11.41
C TRP D 113 17.46 -33.35 12.46
N LEU D 114 16.68 -34.41 12.21
CA LEU D 114 15.73 -34.87 13.22
C LEU D 114 16.46 -35.30 14.49
N THR D 115 17.59 -35.97 14.35
CA THR D 115 18.36 -36.39 15.52
C THR D 115 18.84 -35.18 16.30
N GLU D 116 19.44 -34.19 15.61
CA GLU D 116 19.92 -33.03 16.36
C GLU D 116 18.78 -32.23 16.98
N LEU D 117 17.68 -32.03 16.25
CA LEU D 117 16.58 -31.24 16.79
C LEU D 117 15.91 -31.95 17.96
N GLU D 118 15.85 -33.28 17.93
CA GLU D 118 15.31 -34.01 19.06
C GLU D 118 16.18 -33.85 20.30
N ALA D 119 17.52 -33.96 20.14
CA ALA D 119 18.40 -33.72 21.27
C ALA D 119 18.24 -32.30 21.83
N LEU D 120 18.18 -31.30 20.93
CA LEU D 120 18.04 -29.90 21.35
C LEU D 120 16.72 -29.67 22.07
N ARG D 121 15.65 -30.27 21.57
CA ARG D 121 14.37 -30.14 22.24
C ARG D 121 14.42 -30.74 23.64
N ALA D 122 14.98 -31.96 23.74
CA ALA D 122 15.01 -32.63 25.05
C ALA D 122 15.80 -31.83 26.07
N LYS D 123 16.90 -31.21 25.67
CA LYS D 123 17.67 -30.45 26.65
C LYS D 123 17.22 -28.99 26.78
N SER D 124 16.21 -28.53 26.02
CA SER D 124 15.85 -27.13 26.09
C SER D 124 15.17 -26.83 27.44
N ASP D 125 14.97 -25.53 27.73
CA ASP D 125 14.43 -25.11 29.04
C ASP D 125 12.91 -25.29 29.05
N SER D 126 12.49 -26.47 29.50
CA SER D 126 11.08 -26.78 29.58
C SER D 126 10.31 -25.89 30.55
N GLN D 127 11.01 -25.16 31.42
CA GLN D 127 10.36 -24.26 32.38
C GLN D 127 10.09 -22.87 31.83
N SER D 128 10.63 -22.55 30.65
CA SER D 128 10.48 -21.21 30.09
C SER D 128 9.01 -20.90 29.84
N ASP D 129 8.62 -19.64 30.06
CA ASP D 129 7.27 -19.24 29.70
C ASP D 129 7.15 -18.87 28.23
N PHE D 130 8.21 -19.11 27.44
CA PHE D 130 8.25 -18.80 26.02
C PHE D 130 8.71 -20.03 25.25
N THR D 131 8.02 -20.33 24.15
CA THR D 131 8.31 -21.49 23.33
C THR D 131 8.64 -21.05 21.90
N LEU D 132 9.74 -21.57 21.37
CA LEU D 132 10.03 -21.54 19.94
C LEU D 132 9.62 -22.88 19.34
N HIS D 133 8.78 -22.84 18.32
CA HIS D 133 8.23 -24.06 17.76
C HIS D 133 8.48 -24.07 16.26
N PHE D 134 9.27 -25.04 15.79
CA PHE D 134 9.55 -25.23 14.36
C PHE D 134 8.52 -26.21 13.78
N ILE D 135 7.95 -25.86 12.62
CA ILE D 135 7.16 -26.82 11.86
C ILE D 135 7.92 -27.14 10.57
N MET D 136 8.10 -28.42 10.30
CA MET D 136 8.88 -28.88 9.17
C MET D 136 8.05 -29.77 8.26
N GLY D 137 8.35 -29.77 6.96
CA GLY D 137 7.57 -30.55 6.02
C GLY D 137 6.09 -30.18 6.02
N MET D 138 5.79 -28.89 6.08
CA MET D 138 4.40 -28.45 6.10
C MET D 138 3.71 -28.77 4.78
N SER D 139 2.46 -29.22 4.88
CA SER D 139 1.61 -29.55 3.75
C SER D 139 0.27 -30.05 4.29
N LEU D 140 -0.82 -29.34 3.99
CA LEU D 140 -2.11 -29.75 4.54
C LEU D 140 -2.47 -31.16 4.09
N ALA D 141 -2.19 -31.50 2.84
CA ALA D 141 -2.49 -32.85 2.35
C ALA D 141 -1.75 -33.90 3.17
N HIS D 142 -0.44 -33.72 3.36
CA HIS D 142 0.33 -34.69 4.13
C HIS D 142 -0.11 -34.74 5.58
N GLU D 143 -0.45 -33.58 6.14
CA GLU D 143 -0.91 -33.52 7.53
C GLU D 143 -2.20 -34.32 7.71
N VAL D 144 -3.16 -34.12 6.81
CA VAL D 144 -4.42 -34.83 6.86
C VAL D 144 -4.21 -36.32 6.66
N ILE D 145 -3.40 -36.69 5.68
CA ILE D 145 -3.13 -38.10 5.42
C ILE D 145 -2.51 -38.76 6.64
N GLY D 146 -1.56 -38.08 7.29
CA GLY D 146 -0.95 -38.67 8.48
C GLY D 146 -1.94 -38.86 9.61
N ILE D 147 -2.82 -37.88 9.82
CA ILE D 147 -3.82 -38.00 10.87
C ILE D 147 -4.78 -39.15 10.56
N PHE D 148 -5.25 -39.23 9.32
CA PHE D 148 -6.13 -40.33 8.91
C PHE D 148 -5.47 -41.68 9.14
N ASN D 149 -4.26 -41.87 8.60
CA ASN D 149 -3.62 -43.17 8.71
C ASN D 149 -3.36 -43.55 10.15
N LYS D 150 -3.05 -42.57 11.01
CA LYS D 150 -2.90 -42.87 12.43
C LYS D 150 -4.20 -43.37 13.05
N PHE D 151 -5.32 -42.70 12.77
CA PHE D 151 -6.55 -43.03 13.50
C PHE D 151 -7.48 -43.98 12.74
N ASN D 152 -7.15 -44.33 11.51
CA ASN D 152 -7.99 -45.16 10.66
C ASN D 152 -8.43 -46.45 11.36
N GLY D 153 -9.74 -46.63 11.50
CA GLY D 153 -10.31 -47.82 12.12
C GLY D 153 -10.14 -47.93 13.62
N LYS D 154 -9.59 -46.90 14.27
CA LYS D 154 -9.27 -46.97 15.70
C LYS D 154 -10.14 -46.03 16.54
N ILE D 155 -10.95 -45.18 15.91
CA ILE D 155 -11.90 -44.33 16.62
C ILE D 155 -13.23 -44.40 15.89
N PRO D 156 -14.33 -44.13 16.58
CA PRO D 156 -15.62 -44.15 15.88
C PRO D 156 -15.77 -43.02 14.89
N ALA D 157 -15.22 -41.84 15.19
CA ALA D 157 -15.31 -40.68 14.31
C ALA D 157 -14.24 -39.68 14.72
N LEU D 158 -13.77 -38.89 13.75
CA LEU D 158 -12.83 -37.83 14.07
C LEU D 158 -13.63 -36.65 14.62
N THR D 159 -13.13 -36.07 15.71
CA THR D 159 -13.76 -34.92 16.34
C THR D 159 -12.87 -33.70 16.19
N GLU D 160 -13.47 -32.52 16.37
CA GLU D 160 -12.67 -31.30 16.32
C GLU D 160 -11.58 -31.31 17.38
N GLU D 161 -11.88 -31.89 18.55
CA GLU D 161 -10.89 -31.96 19.62
C GLU D 161 -9.71 -32.84 19.24
N LEU D 162 -9.98 -34.01 18.69
CA LEU D 162 -8.91 -34.91 18.27
C LEU D 162 -8.09 -34.31 17.14
N LEU D 163 -8.76 -33.70 16.17
CA LEU D 163 -8.07 -33.01 15.10
C LEU D 163 -7.15 -31.93 15.65
N ALA D 164 -7.68 -31.07 16.54
CA ALA D 164 -6.88 -30.03 17.16
C ALA D 164 -5.68 -30.61 17.91
N ALA D 165 -5.88 -31.73 18.61
CA ALA D 165 -4.81 -32.35 19.37
C ALA D 165 -3.76 -33.02 18.49
N ASN D 166 -4.05 -33.24 17.20
CA ASN D 166 -3.08 -33.88 16.34
C ASN D 166 -2.61 -33.03 15.17
N ALA D 167 -3.11 -31.81 15.00
CA ALA D 167 -2.60 -30.94 13.95
C ALA D 167 -1.15 -30.55 14.26
N TYR D 168 -0.39 -30.28 13.19
CA TYR D 168 1.02 -29.89 13.36
C TYR D 168 1.16 -28.68 14.28
N VAL D 169 0.35 -27.65 14.04
CA VAL D 169 0.35 -26.46 14.90
C VAL D 169 -0.68 -26.72 16.00
N PRO D 170 -0.26 -26.80 17.26
CA PRO D 170 -1.12 -27.35 18.32
C PRO D 170 -2.16 -26.38 18.86
N GLU D 171 -2.31 -25.18 18.30
CA GLU D 171 -3.30 -24.22 18.74
C GLU D 171 -3.63 -23.32 17.58
N PRO D 172 -4.73 -22.57 17.67
CA PRO D 172 -4.99 -21.55 16.64
C PRO D 172 -3.92 -20.47 16.68
N VAL D 173 -3.51 -20.02 15.51
CA VAL D 173 -2.52 -18.97 15.36
C VAL D 173 -3.22 -17.62 15.35
N ASP D 174 -2.73 -16.69 16.17
CA ASP D 174 -3.29 -15.33 16.20
C ASP D 174 -2.85 -14.53 14.99
N PHE D 175 -1.55 -14.40 14.78
CA PHE D 175 -0.95 -13.54 13.78
C PHE D 175 0.02 -14.33 12.91
N LEU D 176 0.02 -14.06 11.62
CA LEU D 176 0.98 -14.66 10.71
C LEU D 176 1.65 -13.55 9.90
N ILE D 177 2.98 -13.60 9.82
CA ILE D 177 3.76 -12.59 9.11
C ILE D 177 4.55 -13.28 8.01
N ARG D 178 4.46 -12.76 6.79
CA ARG D 178 5.31 -13.23 5.70
C ARG D 178 6.00 -12.03 5.05
N PRO D 179 7.28 -11.82 5.35
CA PRO D 179 8.06 -10.80 4.64
C PRO D 179 8.47 -11.34 3.28
N GLY D 180 9.12 -10.48 2.50
CA GLY D 180 9.69 -10.92 1.24
C GLY D 180 8.85 -10.68 0.02
N GLY D 181 7.67 -10.07 0.16
CA GLY D 181 6.90 -9.63 -0.99
C GLY D 181 5.96 -10.66 -1.61
N HIS D 182 6.07 -11.94 -1.26
CA HIS D 182 5.15 -12.94 -1.80
C HIS D 182 3.89 -12.98 -0.95
N VAL D 183 2.73 -12.91 -1.62
CA VAL D 183 1.45 -12.94 -0.93
C VAL D 183 0.79 -14.28 -1.22
N ARG D 184 1.12 -15.28 -0.42
CA ARG D 184 0.72 -16.67 -0.62
C ARG D 184 1.18 -17.44 0.60
N MET D 185 0.62 -18.64 0.80
CA MET D 185 0.98 -19.45 1.96
C MET D 185 2.03 -20.50 1.68
N SER D 186 2.20 -20.92 0.42
CA SER D 186 3.31 -21.78 -0.02
C SER D 186 3.45 -23.05 0.85
N SER D 187 2.31 -23.66 1.18
CA SER D 187 2.20 -24.94 1.92
C SER D 187 2.34 -24.72 3.42
N PHE D 188 2.40 -23.47 3.88
CA PHE D 188 2.67 -23.15 5.27
C PHE D 188 1.40 -22.76 6.04
N TYR D 189 0.23 -22.91 5.44
CA TYR D 189 -0.99 -22.47 6.11
C TYR D 189 -1.27 -23.35 7.34
N PRO D 190 -1.56 -22.75 8.51
CA PRO D 190 -1.83 -23.53 9.73
C PRO D 190 -3.29 -24.01 9.78
N LEU D 191 -3.44 -25.34 9.78
CA LEU D 191 -4.74 -25.98 9.57
C LEU D 191 -5.86 -25.41 10.47
N MET D 192 -5.60 -25.28 11.76
CA MET D 192 -6.67 -25.00 12.71
C MET D 192 -6.76 -23.53 13.10
N SER D 193 -6.49 -22.60 12.17
CA SER D 193 -6.52 -21.17 12.48
C SER D 193 -7.54 -20.40 11.63
N PRO D 194 -8.83 -20.73 11.75
CA PRO D 194 -9.84 -19.97 10.96
C PRO D 194 -9.89 -18.48 11.26
N PHE D 195 -9.39 -18.01 12.42
CA PHE D 195 -9.45 -16.59 12.74
C PHE D 195 -8.08 -15.92 12.73
N ALA D 196 -7.09 -16.54 12.08
CA ALA D 196 -5.76 -15.92 11.98
C ALA D 196 -5.80 -14.64 11.16
N GLU D 197 -5.10 -13.63 11.64
CA GLU D 197 -4.86 -12.42 10.86
C GLU D 197 -3.52 -12.52 10.17
N MET D 198 -3.47 -12.13 8.89
CA MET D 198 -2.26 -12.24 8.08
C MET D 198 -1.68 -10.86 7.75
N TYR D 199 -0.36 -10.78 7.73
CA TYR D 199 0.37 -9.57 7.41
C TYR D 199 1.50 -9.89 6.43
N PHE D 200 1.52 -9.18 5.32
CA PHE D 200 2.55 -9.36 4.29
C PHE D 200 3.30 -8.06 4.14
N CYS D 201 4.62 -8.14 3.96
CA CYS D 201 5.36 -6.93 3.67
C CYS D 201 6.43 -7.23 2.64
N PRO D 202 6.81 -6.23 1.83
CA PRO D 202 7.82 -6.50 0.79
C PRO D 202 9.22 -6.69 1.36
N THR D 203 9.51 -6.15 2.54
CA THR D 203 10.85 -6.23 3.13
C THR D 203 11.37 -7.67 3.19
N LEU D 204 12.60 -7.88 2.71
CA LEU D 204 13.20 -9.20 2.87
C LEU D 204 13.43 -9.46 4.36
N LEU D 205 13.29 -10.73 4.76
CA LEU D 205 13.44 -11.06 6.17
C LEU D 205 14.77 -10.52 6.71
N ASN D 206 15.87 -10.74 5.96
CA ASN D 206 17.19 -10.33 6.43
C ASN D 206 17.36 -8.82 6.56
N ASP D 207 16.46 -8.03 5.98
CA ASP D 207 16.46 -6.58 6.10
C ASP D 207 15.50 -6.07 7.16
N MET D 208 14.70 -6.94 7.77
CA MET D 208 13.69 -6.50 8.73
C MET D 208 14.35 -5.90 9.96
N THR D 209 13.92 -4.72 10.36
CA THR D 209 14.36 -4.10 11.60
C THR D 209 13.33 -4.33 12.69
N ARG D 210 13.72 -4.04 13.94
CA ARG D 210 12.73 -4.08 15.02
C ARG D 210 11.57 -3.14 14.75
N ALA D 211 11.83 -1.99 14.12
CA ALA D 211 10.73 -1.07 13.81
C ALA D 211 9.77 -1.66 12.78
N ASP D 212 10.28 -2.35 11.75
CA ASP D 212 9.41 -3.05 10.80
C ASP D 212 8.52 -4.06 11.51
N PHE D 213 9.12 -4.83 12.41
CA PHE D 213 8.38 -5.79 13.22
C PHE D 213 7.30 -5.10 14.03
N ASP D 214 7.65 -3.99 14.69
CA ASP D 214 6.69 -3.29 15.53
C ASP D 214 5.52 -2.75 14.72
N VAL D 215 5.78 -2.18 13.53
CA VAL D 215 4.65 -1.65 12.76
C VAL D 215 3.81 -2.80 12.20
N ALA D 216 4.42 -3.96 11.93
CA ALA D 216 3.64 -5.14 11.60
C ALA D 216 2.70 -5.51 12.75
N LEU D 217 3.18 -5.47 13.99
CA LEU D 217 2.32 -5.80 15.12
C LEU D 217 1.25 -4.74 15.33
N GLU D 218 1.58 -3.46 15.11
CA GLU D 218 0.55 -2.43 15.16
C GLU D 218 -0.57 -2.75 14.19
N ASP D 219 -0.19 -3.11 12.95
CA ASP D 219 -1.16 -3.48 11.93
C ASP D 219 -2.03 -4.65 12.38
N LEU D 220 -1.39 -5.73 12.84
CA LEU D 220 -2.12 -6.93 13.23
C LEU D 220 -3.03 -6.70 14.43
N ARG D 221 -2.52 -6.01 15.45
CA ARG D 221 -3.27 -5.80 16.68
C ARG D 221 -4.41 -4.81 16.52
N GLU D 222 -4.36 -3.95 15.49
CA GLU D 222 -5.39 -2.94 15.29
C GLU D 222 -6.60 -3.45 14.55
N ARG D 223 -6.59 -4.70 14.13
CA ARG D 223 -7.71 -5.24 13.37
C ARG D 223 -8.80 -5.76 14.30
N ASP D 224 -8.47 -5.98 15.56
CA ASP D 224 -9.38 -6.52 16.56
C ASP D 224 -10.37 -5.48 17.07
#